data_6IQ4
#
_entry.id   6IQ4
#
_cell.length_a   107.307
_cell.length_b   109.741
_cell.length_c   183.254
_cell.angle_alpha   90.00
_cell.angle_beta   90.00
_cell.angle_gamma   90.00
#
_symmetry.space_group_name_H-M   'P 21 21 21'
#
loop_
_entity.id
_entity.type
_entity.pdbx_description
1 polymer 'Histone H3.1'
2 polymer 'Histone H4'
3 polymer 'Histone H2A type 1-B/E'
4 polymer 'Histone H2B type 1-J'
5 polymer 'Histone H4'
6 polymer 'DNA (145-MER)'
7 polymer 'DNA (145-MER)'
8 non-polymer 'GOLD ION'
9 non-polymer '4-diphenylphosphanylbenzoic acid'
10 non-polymer 'MAGNESIUM ION'
11 non-polymer [Ru(eta(6)-p-cymene)Cl-2(pta)
12 water water
#
loop_
_entity_poly.entity_id
_entity_poly.type
_entity_poly.pdbx_seq_one_letter_code
_entity_poly.pdbx_strand_id
1 'polypeptide(L)'
;PHRYRPGTVALREIRRYQKSTELLIRKLPFQRLVREIAQDFKTDLRFQSSAVMALQEACEAYLVGLFEDTNLCAIHAKRV
TIMPKDIQLARRIRGERA
;
A,E
2 'polypeptide(L)'
;VLRDNIQGITKPAIRRLARRGGVKRISGLIYEETRGVLKVFLENVIRDAVTYTEHAKRKTVTAMDVVYALKRQGRTLYGF
GG
;
B
3 'polypeptide(L)'
;AKTRSSRAGLQFPVGRVHRLLRKGNYSERVGAGAPVYLAAVLEYLTAEILELAGNAARDNKKTRIIPRHLQLAIRNDEEL
NKLLGRVTIAQGGVLPNIQAVLLPKK
;
C,G
4 'polypeptide(L)'
;RSRKESYSIYVYKVLKQVHPDTGISSKAMGIMNSFVNDIFERIAGEASRLAHYNKRSTITSREIQTAVRLLLPGELAKHA
VSEGTKAVTKYTSAK
;
D,H
5 'polypeptide(L)'
;KRHRKVLRDNIQGITKPAIRRLARRGGVKRISGLIYEETRGVLKVFLENVIRDAVTYTEHAKRKTVTAMDVVYALKRQGR
TLYGFGG
;
F
6 'polydeoxyribonucleotide'
;(DA)(DT)(DC)(DA)(DA)(DT)(DA)(DT)(DC)(DC)(DA)(DC)(DC)(DT)(DG)(DC)(DA)(DG)(DA)(DT)
(DA)(DC)(DT)(DA)(DC)(DC)(DA)(DA)(DA)(DA)(DG)(DT)(DG)(DT)(DA)(DT)(DT)(DT)(DG)(DG)
(DA)(DA)(DA)(DC)(DT)(DG)(DC)(DT)(DC)(DC)(DA)(DT)(DC)(DA)(DA)(DA)(DA)(DG)(DG)(DC)
(DA)(DT)(DG)(DT)(DT)(DC)(DA)(DG)(DC)(DT)(DG)(DA)(DA)(DT)(DC)(DA)(DG)(DC)(DT)(DG)
(DA)(DA)(DC)(DA)(DT)(DG)(DC)(DC)(DT)(DT)(DT)(DT)(DG)(DA)(DT)(DG)(DG)(DA)(DG)(DC)
(DA)(DG)(DT)(DT)(DT)(DC)(DC)(DA)(DA)(DA)(DT)(DA)(DC)(DA)(DC)(DT)(DT)(DT)(DT)(DG)
(DG)(DT)(DA)(DG)(DT)(DA)(DT)(DC)(DT)(DG)(DC)(DA)(DG)(DG)(DT)(DG)(DG)(DA)(DT)(DA)
(DT)(DT)(DG)(DA)(DT)
;
I
7 'polydeoxyribonucleotide'
;(DA)(DT)(DC)(DA)(DA)(DT)(DA)(DT)(DC)(DC)(DA)(DC)(DC)(DT)(DG)(DC)(DA)(DG)(DA)(DT)
(DA)(DC)(DT)(DA)(DC)(DC)(DA)(DA)(DA)(DA)(DG)(DT)(DG)(DT)(DA)(DT)(DT)(DT)(DG)(DG)
(DA)(DA)(DA)(DC)(DT)(DG)(DC)(DT)(DC)(DC)(DA)(DT)(DC)(DA)(DA)(DA)(DA)(DG)(DG)(DC)
(DA)(DT)(DG)(DT)(DT)(DC)(DA)(DG)(DC)(DT)(DG)(DA)(DT)(DT)(DC)(DA)(DG)(DC)(DT)(DG)
(DA)(DA)(DC)(DA)(DT)(DG)(DC)(DC)(DT)(DT)(DT)(DT)(DG)(DA)(DT)(DG)(DG)(DA)(DG)(DC)
(DA)(DG)(DT)(DT)(DT)(DC)(DC)(DA)(DA)(DA)(DT)(DA)(DC)(DA)(DC)(DT)(DT)(DT)(DT)(DG)
(DG)(DT)(DA)(DG)(DT)(DA)(DT)(DC)(DT)(DG)(DC)(DA)(DG)(DG)(DT)(DG)(DG)(DA)(DT)(DA)
(DT)(DT)(DG)(DA)(DT)
;
J
#
loop_
_chem_comp.id
_chem_comp.type
_chem_comp.name
_chem_comp.formula
AU non-polymer 'GOLD ION' 'Au 1'
D0X non-polymer [Ru(eta(6)-p-cymene)Cl-2(pta) 'C16 H22 Cl2 N3 P Ru'
DA DNA linking 2'-DEOXYADENOSINE-5'-MONOPHOSPHATE 'C10 H14 N5 O6 P'
DC DNA linking 2'-DEOXYCYTIDINE-5'-MONOPHOSPHATE 'C9 H14 N3 O7 P'
DG DNA linking 2'-DEOXYGUANOSINE-5'-MONOPHOSPHATE 'C10 H14 N5 O7 P'
DT DNA linking THYMIDINE-5'-MONOPHOSPHATE 'C10 H15 N2 O8 P'
MG non-polymer 'MAGNESIUM ION' 'Mg 2'
XIS non-polymer '4-diphenylphosphanylbenzoic acid' 'C19 H15 O2 P'
#
# COMPACT_ATOMS: atom_id res chain seq x y z
CA PRO A 1 36.64 2.48 -40.54
C PRO A 1 35.34 1.76 -40.17
N HIS A 2 35.24 1.27 -38.93
CA HIS A 2 34.11 0.39 -38.50
C HIS A 2 33.10 1.03 -37.53
N ARG A 3 31.83 0.78 -37.84
CA ARG A 3 30.72 1.51 -37.25
C ARG A 3 29.49 0.61 -37.06
N TYR A 4 29.04 0.48 -35.80
CA TYR A 4 27.85 -0.34 -35.50
C TYR A 4 26.58 0.44 -35.86
N ARG A 5 25.53 -0.26 -36.30
CA ARG A 5 24.28 0.42 -36.71
C ARG A 5 23.49 0.94 -35.48
N PRO A 6 22.67 2.00 -35.65
CA PRO A 6 21.84 2.49 -34.54
C PRO A 6 21.02 1.37 -33.91
N GLY A 7 21.16 1.21 -32.58
CA GLY A 7 20.41 0.17 -31.85
C GLY A 7 21.22 -1.04 -31.43
N THR A 8 22.31 -1.32 -32.15
CA THR A 8 23.14 -2.50 -31.90
C THR A 8 23.93 -2.38 -30.60
N VAL A 9 24.47 -1.20 -30.34
CA VAL A 9 25.15 -0.96 -29.05
C VAL A 9 24.11 -0.74 -27.93
N ALA A 10 22.95 -0.19 -28.26
CA ALA A 10 21.89 0.00 -27.28
C ALA A 10 21.50 -1.35 -26.67
N LEU A 11 21.15 -2.31 -27.52
CA LEU A 11 20.90 -3.73 -27.13
C LEU A 11 22.02 -4.35 -26.31
N ARG A 12 23.25 -4.04 -26.71
CA ARG A 12 24.42 -4.60 -26.05
C ARG A 12 24.50 -4.09 -24.62
N GLU A 13 24.25 -2.79 -24.45
CA GLU A 13 24.21 -2.17 -23.13
C GLU A 13 23.03 -2.73 -22.28
N ILE A 14 21.88 -2.95 -22.90
CA ILE A 14 20.75 -3.58 -22.18
C ILE A 14 21.21 -4.91 -21.59
N ARG A 15 21.81 -5.76 -22.41
CA ARG A 15 22.29 -7.08 -21.94
C ARG A 15 23.31 -6.94 -20.83
N ARG A 16 24.20 -5.98 -21.00
CA ARG A 16 25.26 -5.76 -20.05
C ARG A 16 24.74 -5.22 -18.70
N TYR A 17 23.88 -4.21 -18.74
CA TYR A 17 23.38 -3.63 -17.49
C TYR A 17 22.31 -4.48 -16.78
N GLN A 18 21.61 -5.35 -17.50
CA GLN A 18 20.70 -6.33 -16.87
C GLN A 18 21.41 -7.52 -16.24
N LYS A 19 22.64 -7.78 -16.65
CA LYS A 19 23.45 -8.86 -16.05
C LYS A 19 24.02 -8.46 -14.72
N SER A 20 24.26 -7.17 -14.55
CA SER A 20 24.98 -6.63 -13.41
C SER A 20 24.10 -5.85 -12.42
N THR A 21 24.69 -5.59 -11.24
CA THR A 21 24.04 -4.94 -10.12
C THR A 21 24.76 -3.68 -9.59
N GLU A 22 25.84 -3.26 -10.24
CA GLU A 22 26.51 -2.04 -9.75
C GLU A 22 25.58 -0.86 -9.94
N LEU A 23 25.69 0.06 -9.00
CA LEU A 23 25.08 1.35 -9.11
C LEU A 23 25.61 2.07 -10.35
N LEU A 24 24.71 2.81 -10.99
CA LEU A 24 24.90 3.41 -12.30
C LEU A 24 24.96 4.94 -12.32
N ILE A 25 24.69 5.57 -11.19
CA ILE A 25 24.92 7.01 -11.00
C ILE A 25 26.21 7.16 -10.19
N ARG A 26 27.04 8.15 -10.50
CA ARG A 26 28.34 8.32 -9.81
C ARG A 26 28.04 8.80 -8.38
N LYS A 27 28.83 8.34 -7.42
CA LYS A 27 28.50 8.52 -6.00
C LYS A 27 28.52 9.95 -5.49
N LEU A 28 29.58 10.70 -5.81
CA LEU A 28 29.72 12.06 -5.30
C LEU A 28 28.56 12.95 -5.73
N PRO A 29 28.27 13.03 -7.05
CA PRO A 29 27.14 13.88 -7.44
C PRO A 29 25.83 13.50 -6.78
N PHE A 30 25.62 12.19 -6.58
CA PHE A 30 24.44 11.73 -5.85
C PHE A 30 24.44 12.25 -4.42
N GLN A 31 25.56 12.04 -3.75
CA GLN A 31 25.71 12.52 -2.38
C GLN A 31 25.49 14.04 -2.25
N ARG A 32 26.06 14.82 -3.16
CA ARG A 32 25.79 16.29 -3.17
C ARG A 32 24.31 16.60 -3.26
N LEU A 33 23.63 15.94 -4.20
CA LEU A 33 22.21 16.20 -4.43
C LEU A 33 21.40 15.87 -3.17
N VAL A 34 21.75 14.76 -2.53
CA VAL A 34 21.09 14.34 -1.30
C VAL A 34 21.24 15.46 -0.25
N ARG A 35 22.47 15.91 -0.03
CA ARG A 35 22.75 16.94 0.99
C ARG A 35 22.05 18.25 0.69
N GLU A 36 22.10 18.68 -0.58
CA GLU A 36 21.39 19.88 -1.01
C GLU A 36 19.91 19.79 -0.61
N ILE A 37 19.23 18.73 -1.05
CA ILE A 37 17.78 18.54 -0.78
C ILE A 37 17.52 18.47 0.72
N ALA A 38 18.35 17.73 1.44
CA ALA A 38 18.24 17.63 2.90
C ALA A 38 18.36 18.97 3.62
N GLN A 39 19.25 19.85 3.12
CA GLN A 39 19.47 21.20 3.66
C GLN A 39 18.20 22.04 3.76
N ASP A 40 17.27 21.88 2.82
CA ASP A 40 15.96 22.57 2.91
C ASP A 40 15.09 22.11 4.06
N PHE A 41 15.35 20.94 4.63
CA PHE A 41 14.51 20.42 5.74
C PHE A 41 15.18 20.60 7.09
N LYS A 42 16.50 20.51 7.13
CA LYS A 42 17.25 20.83 8.34
C LYS A 42 18.72 21.11 8.00
N THR A 43 19.27 22.17 8.60
CA THR A 43 20.65 22.60 8.30
C THR A 43 21.66 21.85 9.16
N ASP A 44 22.91 21.88 8.71
CA ASP A 44 24.03 21.26 9.45
C ASP A 44 23.83 19.75 9.72
N LEU A 45 23.33 19.05 8.71
CA LEU A 45 23.06 17.63 8.85
C LEU A 45 24.27 16.84 8.43
N ARG A 46 24.53 15.77 9.14
CA ARG A 46 25.46 14.76 8.68
C ARG A 46 24.63 13.52 8.29
N PHE A 47 25.28 12.61 7.56
CA PHE A 47 24.66 11.40 7.01
C PHE A 47 25.62 10.23 7.24
N GLN A 48 25.13 9.12 7.78
CA GLN A 48 25.96 7.88 7.76
C GLN A 48 26.25 7.54 6.31
N SER A 49 27.40 6.93 6.06
CA SER A 49 27.74 6.44 4.74
C SER A 49 26.68 5.46 4.20
N SER A 50 26.22 4.57 5.06
CA SER A 50 25.19 3.59 4.72
C SER A 50 23.83 4.27 4.47
N ALA A 51 23.56 5.42 5.08
CA ALA A 51 22.36 6.21 4.82
C ALA A 51 22.26 6.69 3.38
N VAL A 52 23.35 7.23 2.86
CA VAL A 52 23.40 7.69 1.49
C VAL A 52 23.31 6.51 0.52
N MET A 53 23.98 5.41 0.85
CA MET A 53 23.95 4.22 0.01
C MET A 53 22.54 3.64 -0.09
N ALA A 54 21.86 3.50 1.04
CA ALA A 54 20.47 3.05 1.07
C ALA A 54 19.61 3.95 0.15
N LEU A 55 19.81 5.26 0.23
CA LEU A 55 19.11 6.20 -0.64
C LEU A 55 19.40 5.93 -2.12
N GLN A 56 20.65 5.67 -2.48
CA GLN A 56 21.02 5.49 -3.88
C GLN A 56 20.52 4.13 -4.44
N GLU A 57 20.54 3.10 -3.61
CA GLU A 57 19.96 1.81 -3.97
C GLU A 57 18.48 1.99 -4.24
N ALA A 58 17.78 2.70 -3.35
CA ALA A 58 16.34 2.91 -3.49
C ALA A 58 15.96 3.73 -4.73
N CYS A 59 16.68 4.83 -5.00
CA CYS A 59 16.36 5.68 -6.18
C CYS A 59 16.61 4.97 -7.46
N GLU A 60 17.76 4.32 -7.55
CA GLU A 60 18.08 3.57 -8.77
C GLU A 60 17.08 2.44 -9.02
N ALA A 61 16.74 1.67 -7.99
CA ALA A 61 15.78 0.56 -8.22
C ALA A 61 14.39 1.11 -8.63
N TYR A 62 14.00 2.26 -8.07
CA TYR A 62 12.78 2.96 -8.42
C TYR A 62 12.82 3.45 -9.86
N LEU A 63 13.97 4.02 -10.26
CA LEU A 63 14.05 4.63 -11.59
C LEU A 63 14.09 3.56 -12.63
N VAL A 64 14.82 2.47 -12.37
CA VAL A 64 14.84 1.32 -13.29
C VAL A 64 13.42 0.76 -13.51
N GLY A 65 12.71 0.53 -12.40
CA GLY A 65 11.32 0.06 -12.45
C GLY A 65 10.44 0.98 -13.28
N LEU A 66 10.54 2.28 -13.01
CA LEU A 66 9.79 3.27 -13.77
C LEU A 66 10.12 3.26 -15.26
N PHE A 67 11.40 3.08 -15.59
CA PHE A 67 11.80 2.98 -17.01
C PHE A 67 11.19 1.74 -17.65
N GLU A 68 11.03 0.63 -16.91
CA GLU A 68 10.33 -0.54 -17.47
C GLU A 68 8.88 -0.18 -17.84
N ASP A 69 8.14 0.43 -16.92
CA ASP A 69 6.72 0.80 -17.18
C ASP A 69 6.61 1.86 -18.28
N THR A 70 7.60 2.76 -18.29
CA THR A 70 7.69 3.81 -19.31
C THR A 70 7.85 3.17 -20.68
N ASN A 71 8.76 2.22 -20.76
CA ASN A 71 8.97 1.47 -21.98
C ASN A 71 7.72 0.73 -22.47
N LEU A 72 7.00 0.09 -21.55
CA LEU A 72 5.68 -0.52 -21.88
C LEU A 72 4.67 0.50 -22.45
N CYS A 73 4.65 1.72 -21.90
CA CYS A 73 3.81 2.80 -22.42
C CYS A 73 4.22 3.29 -23.81
N ALA A 74 5.53 3.45 -24.05
CA ALA A 74 6.02 3.72 -25.42
C ALA A 74 5.62 2.62 -26.42
N ILE A 75 5.89 1.36 -26.08
CA ILE A 75 5.54 0.23 -26.95
C ILE A 75 4.03 0.15 -27.18
N HIS A 76 3.22 0.47 -26.16
CA HIS A 76 1.75 0.47 -26.29
C HIS A 76 1.29 1.39 -27.40
N ALA A 77 2.00 2.51 -27.53
CA ALA A 77 1.72 3.52 -28.58
C ALA A 77 2.49 3.27 -29.89
N LYS A 78 2.99 2.05 -30.07
CA LYS A 78 3.65 1.61 -31.28
C LYS A 78 4.96 2.34 -31.58
N ARG A 79 5.64 2.76 -30.52
CA ARG A 79 6.96 3.34 -30.62
C ARG A 79 7.97 2.45 -29.91
N VAL A 80 9.25 2.76 -30.15
CA VAL A 80 10.35 2.10 -29.48
C VAL A 80 11.21 3.10 -28.76
N THR A 81 10.77 4.36 -28.76
CA THR A 81 11.51 5.48 -28.23
C THR A 81 10.74 6.01 -27.05
N ILE A 82 11.33 6.01 -25.85
CA ILE A 82 10.62 6.57 -24.69
C ILE A 82 10.60 8.11 -24.69
N MET A 83 9.48 8.67 -24.23
CA MET A 83 9.25 10.11 -24.19
C MET A 83 8.68 10.54 -22.84
N PRO A 84 8.77 11.85 -22.51
CA PRO A 84 8.14 12.37 -21.30
C PRO A 84 6.67 11.93 -21.08
N LYS A 85 5.89 11.89 -22.15
CA LYS A 85 4.50 11.48 -21.99
C LYS A 85 4.41 9.99 -21.54
N ASP A 86 5.38 9.17 -21.86
CA ASP A 86 5.36 7.78 -21.40
C ASP A 86 5.63 7.72 -19.91
N ILE A 87 6.62 8.50 -19.45
CA ILE A 87 6.94 8.58 -18.02
C ILE A 87 5.74 9.14 -17.26
N GLN A 88 5.12 10.17 -17.80
CA GLN A 88 3.97 10.83 -17.17
C GLN A 88 2.78 9.88 -17.06
N LEU A 89 2.50 9.13 -18.12
CA LEU A 89 1.45 8.12 -18.07
C LEU A 89 1.72 7.02 -17.05
N ALA A 90 2.96 6.54 -17.00
CA ALA A 90 3.32 5.49 -16.05
C ALA A 90 3.12 5.96 -14.60
N ARG A 91 3.59 7.18 -14.30
CA ARG A 91 3.39 7.78 -12.99
C ARG A 91 1.94 8.01 -12.61
N ARG A 92 1.17 8.49 -13.57
CA ARG A 92 -0.27 8.70 -13.38
C ARG A 92 -0.98 7.37 -12.99
N ILE A 93 -0.74 6.32 -13.76
CA ILE A 93 -1.41 5.04 -13.51
C ILE A 93 -0.96 4.38 -12.20
N ARG A 94 0.33 4.54 -11.87
CA ARG A 94 0.89 4.06 -10.59
C ARG A 94 0.26 4.76 -9.40
N GLY A 95 -0.28 5.97 -9.62
CA GLY A 95 -0.86 6.73 -8.55
C GLY A 95 0.14 7.64 -7.86
N GLU A 96 1.31 7.84 -8.47
CA GLU A 96 2.30 8.77 -7.94
C GLU A 96 1.92 10.23 -8.16
N ARG A 97 0.96 10.46 -9.05
CA ARG A 97 0.35 11.78 -9.19
C ARG A 97 -0.85 11.76 -10.13
N ALA A 98 -1.56 12.90 -10.19
CA ALA A 98 -2.66 13.16 -11.15
C ALA A 98 -3.82 12.14 -11.13
N VAL B 1 34.05 26.42 -13.54
CA VAL B 1 32.88 25.94 -14.36
C VAL B 1 31.79 25.40 -13.41
N LEU B 2 31.04 26.32 -12.81
CA LEU B 2 29.93 25.98 -11.89
C LEU B 2 28.83 25.15 -12.58
N ARG B 3 28.09 24.38 -11.80
CA ARG B 3 27.03 23.52 -12.36
C ARG B 3 26.04 23.10 -11.26
N ASP B 4 24.74 23.10 -11.61
CA ASP B 4 23.67 22.64 -10.68
C ASP B 4 23.93 21.21 -10.18
N ASN B 5 23.56 20.93 -8.93
CA ASN B 5 23.76 19.59 -8.37
C ASN B 5 22.91 18.51 -9.09
N ILE B 6 21.64 18.82 -9.38
CA ILE B 6 20.78 17.94 -10.20
C ILE B 6 21.42 17.51 -11.54
N GLN B 7 22.16 18.43 -12.16
CA GLN B 7 22.81 18.17 -13.45
C GLN B 7 23.99 17.20 -13.35
N GLY B 8 24.47 17.00 -12.13
CA GLY B 8 25.40 15.91 -11.80
C GLY B 8 24.86 14.49 -11.98
N ILE B 9 23.54 14.39 -12.12
CA ILE B 9 22.89 13.20 -12.66
C ILE B 9 22.94 13.39 -14.17
N THR B 10 23.87 12.70 -14.81
CA THR B 10 24.27 13.02 -16.18
C THR B 10 23.53 12.17 -17.20
N LYS B 11 23.35 12.71 -18.40
CA LYS B 11 22.80 11.97 -19.53
C LYS B 11 23.23 10.49 -19.64
N PRO B 12 24.54 10.20 -19.56
CA PRO B 12 24.97 8.79 -19.66
C PRO B 12 24.56 7.91 -18.47
N ALA B 13 24.45 8.49 -17.28
CA ALA B 13 24.05 7.74 -16.10
C ALA B 13 22.53 7.41 -16.14
N ILE B 14 21.75 8.38 -16.59
CA ILE B 14 20.31 8.21 -16.81
C ILE B 14 20.08 7.18 -17.91
N ARG B 15 20.95 7.23 -18.91
CA ARG B 15 20.92 6.28 -20.02
C ARG B 15 21.20 4.85 -19.55
N ARG B 16 22.11 4.67 -18.59
CA ARG B 16 22.44 3.34 -18.04
C ARG B 16 21.27 2.78 -17.23
N LEU B 17 20.64 3.67 -16.48
CA LEU B 17 19.45 3.31 -15.71
C LEU B 17 18.37 2.83 -16.65
N ALA B 18 18.11 3.60 -17.70
CA ALA B 18 17.15 3.21 -18.73
C ALA B 18 17.46 1.84 -19.33
N ARG B 19 18.75 1.59 -19.60
CA ARG B 19 19.20 0.35 -20.22
C ARG B 19 18.91 -0.83 -19.33
N ARG B 20 19.15 -0.68 -18.03
CA ARG B 20 18.80 -1.73 -17.06
C ARG B 20 17.29 -1.94 -17.02
N GLY B 21 16.55 -0.89 -17.33
CA GLY B 21 15.10 -0.95 -17.53
C GLY B 21 14.65 -1.46 -18.88
N GLY B 22 15.59 -1.85 -19.76
CA GLY B 22 15.27 -2.48 -21.04
C GLY B 22 14.91 -1.53 -22.18
N VAL B 23 15.30 -0.28 -22.03
CA VAL B 23 14.99 0.79 -22.98
C VAL B 23 16.05 0.88 -24.11
N LYS B 24 15.59 0.77 -25.35
CA LYS B 24 16.44 0.78 -26.53
C LYS B 24 16.76 2.19 -27.06
N ARG B 25 15.78 3.08 -27.05
CA ARG B 25 15.87 4.38 -27.68
C ARG B 25 15.24 5.44 -26.79
N ILE B 26 15.86 6.61 -26.74
CA ILE B 26 15.57 7.62 -25.72
C ILE B 26 15.45 9.06 -26.28
N SER B 27 14.28 9.68 -26.17
CA SER B 27 14.10 11.09 -26.56
C SER B 27 15.00 12.00 -25.74
N GLY B 28 15.45 13.09 -26.38
CA GLY B 28 16.31 14.07 -25.71
C GLY B 28 15.67 14.75 -24.51
N LEU B 29 14.34 14.82 -24.49
CA LEU B 29 13.62 15.45 -23.36
C LEU B 29 13.56 14.57 -22.07
N ILE B 30 13.83 13.27 -22.20
CA ILE B 30 13.82 12.33 -21.07
C ILE B 30 14.75 12.76 -19.95
N TYR B 31 15.94 13.28 -20.28
CA TYR B 31 16.96 13.54 -19.26
C TYR B 31 16.47 14.55 -18.23
N GLU B 32 15.84 15.63 -18.70
CA GLU B 32 15.26 16.62 -17.80
C GLU B 32 14.03 16.05 -17.08
N GLU B 33 13.15 15.36 -17.80
CA GLU B 33 12.00 14.71 -17.16
C GLU B 33 12.48 13.80 -16.02
N THR B 34 13.47 12.95 -16.31
CA THR B 34 13.97 12.01 -15.31
C THR B 34 14.54 12.72 -14.08
N ARG B 35 15.28 13.80 -14.30
CA ARG B 35 15.83 14.61 -13.18
C ARG B 35 14.73 15.15 -12.28
N GLY B 36 13.65 15.64 -12.88
CA GLY B 36 12.48 16.08 -12.12
C GLY B 36 11.86 14.99 -11.24
N VAL B 37 11.73 13.80 -11.82
CA VAL B 37 11.12 12.66 -11.14
C VAL B 37 12.04 12.22 -9.98
N LEU B 38 13.33 12.11 -10.24
CA LEU B 38 14.32 11.76 -9.21
C LEU B 38 14.32 12.75 -8.03
N LYS B 39 14.18 14.03 -8.34
CA LYS B 39 14.16 15.06 -7.32
C LYS B 39 12.93 14.88 -6.44
N VAL B 40 11.76 14.63 -7.04
CA VAL B 40 10.57 14.40 -6.25
C VAL B 40 10.75 13.21 -5.32
N PHE B 41 11.27 12.09 -5.83
CA PHE B 41 11.47 10.89 -5.06
C PHE B 41 12.39 11.20 -3.86
N LEU B 42 13.52 11.86 -4.13
CA LEU B 42 14.44 12.21 -3.05
C LEU B 42 13.81 13.16 -2.02
N GLU B 43 13.12 14.19 -2.50
CA GLU B 43 12.40 15.07 -1.58
C GLU B 43 11.51 14.30 -0.63
N ASN B 44 10.69 13.41 -1.19
CA ASN B 44 9.67 12.71 -0.38
C ASN B 44 10.26 11.77 0.66
N VAL B 45 11.37 11.11 0.31
CA VAL B 45 12.00 10.14 1.17
C VAL B 45 12.88 10.86 2.19
N ILE B 46 13.67 11.83 1.71
CA ILE B 46 14.55 12.61 2.61
C ILE B 46 13.73 13.36 3.66
N ARG B 47 12.65 14.00 3.24
CA ARG B 47 11.74 14.65 4.19
C ARG B 47 11.40 13.73 5.37
N ASP B 48 10.88 12.54 5.06
CA ASP B 48 10.46 11.56 6.08
C ASP B 48 11.67 11.10 6.90
N ALA B 49 12.80 10.84 6.23
CA ALA B 49 14.03 10.41 6.92
C ALA B 49 14.44 11.46 7.97
N VAL B 50 14.59 12.69 7.51
CA VAL B 50 14.98 13.80 8.39
C VAL B 50 13.97 13.98 9.53
N THR B 51 12.68 13.83 9.25
CA THR B 51 11.66 13.91 10.29
C THR B 51 11.88 12.89 11.37
N TYR B 52 12.36 11.70 10.99
CA TYR B 52 12.77 10.70 11.99
C TYR B 52 14.01 11.16 12.74
N THR B 53 14.99 11.72 12.03
CA THR B 53 16.22 12.25 12.62
C THR B 53 15.90 13.25 13.72
N GLU B 54 15.14 14.29 13.35
CA GLU B 54 14.73 15.35 14.27
C GLU B 54 13.99 14.80 15.47
N HIS B 55 13.20 13.74 15.26
CA HIS B 55 12.45 13.17 16.36
C HIS B 55 13.34 12.47 17.38
N ALA B 56 14.40 11.83 16.89
CA ALA B 56 15.39 11.18 17.76
C ALA B 56 16.40 12.19 18.36
N LYS B 57 16.27 13.49 18.05
CA LYS B 57 17.16 14.56 18.53
C LYS B 57 18.60 14.34 18.06
N ARG B 58 18.74 14.05 16.77
CA ARG B 58 20.03 13.76 16.19
C ARG B 58 20.32 14.77 15.11
N LYS B 59 21.59 14.84 14.72
CA LYS B 59 22.07 15.71 13.64
C LYS B 59 22.63 14.90 12.50
N THR B 60 22.52 13.58 12.63
CA THR B 60 23.02 12.63 11.65
C THR B 60 21.84 11.74 11.19
N VAL B 61 21.62 11.74 9.87
CA VAL B 61 20.59 10.92 9.25
C VAL B 61 21.13 9.50 9.21
N THR B 62 20.47 8.55 9.88
CA THR B 62 20.95 7.14 9.87
C THR B 62 20.34 6.32 8.75
N ALA B 63 21.04 5.26 8.36
CA ALA B 63 20.48 4.25 7.46
C ALA B 63 19.08 3.84 7.92
N MET B 64 18.89 3.60 9.21
CA MET B 64 17.56 3.31 9.75
C MET B 64 16.50 4.41 9.46
N ASP B 65 16.86 5.68 9.65
CA ASP B 65 15.97 6.78 9.27
C ASP B 65 15.50 6.66 7.81
N VAL B 66 16.40 6.30 6.92
CA VAL B 66 16.11 6.16 5.50
C VAL B 66 15.24 4.90 5.24
N VAL B 67 15.58 3.81 5.91
CA VAL B 67 14.87 2.56 5.79
C VAL B 67 13.41 2.71 6.23
N TYR B 68 13.18 3.37 7.37
CA TYR B 68 11.83 3.57 7.87
C TYR B 68 11.04 4.49 6.95
N ALA B 69 11.73 5.44 6.32
CA ALA B 69 11.11 6.40 5.41
C ALA B 69 10.66 5.71 4.15
N LEU B 70 11.57 4.94 3.59
CA LEU B 70 11.28 4.10 2.44
C LEU B 70 10.08 3.16 2.67
N LYS B 71 10.05 2.50 3.82
CA LYS B 71 8.97 1.61 4.19
C LYS B 71 7.62 2.32 4.17
N ARG B 72 7.50 3.48 4.83
CA ARG B 72 6.18 4.16 4.84
C ARG B 72 5.79 4.79 3.50
N GLN B 73 6.79 5.05 2.64
CA GLN B 73 6.55 5.52 1.27
C GLN B 73 6.25 4.35 0.31
N GLY B 74 6.04 3.13 0.83
CA GLY B 74 5.80 1.95 0.03
C GLY B 74 6.94 1.52 -0.90
N ARG B 75 8.19 1.74 -0.45
CA ARG B 75 9.40 1.38 -1.15
C ARG B 75 10.36 0.59 -0.24
N THR B 76 9.83 -0.39 0.51
CA THR B 76 10.63 -1.24 1.42
C THR B 76 11.94 -1.70 0.79
N LEU B 77 13.03 -1.49 1.52
CA LEU B 77 14.38 -1.78 1.07
C LEU B 77 14.96 -2.76 2.05
N TYR B 78 15.45 -3.89 1.53
CA TYR B 78 16.10 -4.90 2.33
C TYR B 78 17.61 -4.71 2.22
N GLY B 79 18.31 -4.98 3.33
CA GLY B 79 19.79 -4.98 3.39
C GLY B 79 20.51 -3.86 4.15
N PHE B 80 19.79 -2.88 4.68
CA PHE B 80 20.41 -1.82 5.45
C PHE B 80 19.89 -1.74 6.87
N GLY B 81 19.36 -2.85 7.39
CA GLY B 81 18.89 -2.90 8.78
C GLY B 81 17.38 -2.98 8.87
N GLY B 82 16.87 -3.16 10.08
CA GLY B 82 15.44 -3.25 10.34
C GLY B 82 14.77 -4.50 9.79
N ALA C 1 -16.12 19.23 38.73
CA ALA C 1 -15.60 18.23 37.73
C ALA C 1 -15.68 18.71 36.27
N LYS C 2 -14.54 19.16 35.73
CA LYS C 2 -14.46 19.56 34.32
C LYS C 2 -13.97 18.36 33.47
N THR C 3 -14.54 18.21 32.27
CA THR C 3 -14.03 17.24 31.29
C THR C 3 -12.67 17.71 30.77
N ARG C 4 -11.87 16.76 30.32
CA ARG C 4 -10.56 17.08 29.73
C ARG C 4 -10.69 17.74 28.34
N SER C 5 -11.77 17.43 27.65
CA SER C 5 -12.16 18.20 26.48
C SER C 5 -12.35 19.71 26.79
N SER C 6 -13.16 20.02 27.80
CA SER C 6 -13.35 21.44 28.22
C SER C 6 -12.05 22.10 28.67
N ARG C 7 -11.23 21.39 29.45
CA ARG C 7 -9.92 21.92 29.81
C ARG C 7 -9.10 22.27 28.59
N ALA C 8 -9.11 21.37 27.59
CA ALA C 8 -8.27 21.54 26.37
C ALA C 8 -8.85 22.44 25.28
N GLY C 9 -10.15 22.70 25.32
CA GLY C 9 -10.80 23.63 24.39
C GLY C 9 -11.49 22.96 23.22
N LEU C 10 -11.96 21.74 23.46
CA LEU C 10 -12.19 20.76 22.40
C LEU C 10 -13.58 20.21 22.44
N GLN C 11 -14.20 20.10 21.27
CA GLN C 11 -15.47 19.43 21.09
C GLN C 11 -15.25 17.92 21.10
N PHE C 12 -14.11 17.46 20.60
CA PHE C 12 -13.84 16.01 20.49
C PHE C 12 -13.47 15.44 21.86
N PRO C 13 -13.81 14.16 22.12
CA PRO C 13 -13.75 13.56 23.47
C PRO C 13 -12.36 13.09 23.84
N VAL C 14 -11.73 13.78 24.77
CA VAL C 14 -10.35 13.44 25.13
C VAL C 14 -10.29 12.11 25.86
N GLY C 15 -11.22 11.88 26.79
CA GLY C 15 -11.23 10.65 27.56
C GLY C 15 -11.39 9.44 26.68
N ARG C 16 -12.31 9.54 25.73
CA ARG C 16 -12.54 8.49 24.77
C ARG C 16 -11.28 8.17 23.95
N VAL C 17 -10.64 9.21 23.42
CA VAL C 17 -9.40 9.03 22.67
C VAL C 17 -8.28 8.40 23.54
N HIS C 18 -8.20 8.78 24.83
CA HIS C 18 -7.20 8.19 25.77
C HIS C 18 -7.46 6.68 25.88
N ARG C 19 -8.73 6.34 26.03
CA ARG C 19 -9.10 4.96 26.24
C ARG C 19 -8.87 4.11 24.98
N LEU C 20 -9.22 4.65 23.82
CA LEU C 20 -9.00 3.95 22.57
C LEU C 20 -7.50 3.76 22.33
N LEU C 21 -6.69 4.71 22.78
CA LEU C 21 -5.23 4.53 22.72
C LEU C 21 -4.71 3.40 23.63
N ARG C 22 -5.33 3.23 24.80
CA ARG C 22 -4.96 2.16 25.74
C ARG C 22 -5.34 0.77 25.22
N LYS C 23 -6.58 0.64 24.78
CA LYS C 23 -7.10 -0.65 24.32
C LYS C 23 -6.54 -1.10 22.95
N GLY C 24 -5.98 -0.18 22.19
CA GLY C 24 -5.43 -0.49 20.87
C GLY C 24 -4.03 -1.09 20.83
N ASN C 25 -3.37 -1.20 21.99
CA ASN C 25 -2.03 -1.82 22.07
C ASN C 25 -1.03 -1.11 21.18
N TYR C 26 -0.96 0.20 21.34
CA TYR C 26 -0.02 1.01 20.60
C TYR C 26 1.31 1.14 21.35
N SER C 27 1.25 1.10 22.68
CA SER C 27 2.44 1.28 23.53
C SER C 27 2.11 0.83 24.96
N GLU C 28 3.13 0.59 25.78
CA GLU C 28 2.91 0.24 27.19
C GLU C 28 2.15 1.40 27.85
N ARG C 29 2.64 2.61 27.60
CA ARG C 29 2.18 3.80 28.30
C ARG C 29 1.63 4.83 27.35
N VAL C 30 0.76 5.70 27.87
CA VAL C 30 0.22 6.83 27.12
C VAL C 30 0.37 8.10 27.95
N GLY C 31 1.11 9.06 27.41
CA GLY C 31 1.25 10.36 28.03
C GLY C 31 -0.05 11.16 28.04
N ALA C 32 -0.10 12.12 28.95
CA ALA C 32 -1.33 12.86 29.24
C ALA C 32 -1.67 13.80 28.10
N GLY C 33 -0.65 14.38 27.47
CA GLY C 33 -0.83 15.21 26.28
C GLY C 33 -1.33 14.51 25.02
N ALA C 34 -0.94 13.24 24.85
CA ALA C 34 -1.22 12.47 23.63
C ALA C 34 -2.66 12.45 23.16
N PRO C 35 -3.62 12.05 24.03
CA PRO C 35 -5.01 12.10 23.57
C PRO C 35 -5.54 13.49 23.36
N VAL C 36 -4.97 14.50 24.06
CA VAL C 36 -5.36 15.88 23.86
C VAL C 36 -4.94 16.31 22.47
N TYR C 37 -3.67 16.09 22.13
CA TYR C 37 -3.17 16.47 20.80
C TYR C 37 -3.95 15.73 19.70
N LEU C 38 -4.23 14.44 19.90
CA LEU C 38 -4.80 13.61 18.85
C LEU C 38 -6.26 13.95 18.64
N ALA C 39 -7.01 14.13 19.72
CA ALA C 39 -8.41 14.57 19.61
C ALA C 39 -8.54 15.93 18.88
N ALA C 40 -7.55 16.81 19.06
CA ALA C 40 -7.54 18.12 18.42
C ALA C 40 -7.29 18.00 16.92
N VAL C 41 -6.27 17.23 16.56
CA VAL C 41 -5.97 16.95 15.15
C VAL C 41 -7.21 16.34 14.46
N LEU C 42 -7.80 15.36 15.11
CA LEU C 42 -9.03 14.75 14.59
C LEU C 42 -10.12 15.78 14.41
N GLU C 43 -10.27 16.67 15.37
CA GLU C 43 -11.30 17.73 15.31
C GLU C 43 -11.03 18.70 14.20
N TYR C 44 -9.78 19.13 14.10
CA TYR C 44 -9.36 20.00 13.02
C TYR C 44 -9.78 19.39 11.66
N LEU C 45 -9.36 18.15 11.41
CA LEU C 45 -9.58 17.51 10.11
C LEU C 45 -11.06 17.40 9.81
N THR C 46 -11.86 17.06 10.82
CA THR C 46 -13.30 16.93 10.54
C THR C 46 -13.94 18.29 10.28
N ALA C 47 -13.42 19.36 10.91
CA ALA C 47 -13.91 20.71 10.65
C ALA C 47 -13.61 21.08 9.21
N GLU C 48 -12.37 20.81 8.80
CA GLU C 48 -11.90 21.05 7.43
C GLU C 48 -12.78 20.37 6.38
N ILE C 49 -13.09 19.08 6.59
CA ILE C 49 -13.94 18.34 5.67
C ILE C 49 -15.35 18.88 5.66
N LEU C 50 -15.92 19.11 6.83
CA LEU C 50 -17.32 19.63 6.90
C LEU C 50 -17.49 21.02 6.32
N GLU C 51 -16.50 21.88 6.46
CA GLU C 51 -16.55 23.20 5.82
C GLU C 51 -16.74 23.02 4.32
N LEU C 52 -15.87 22.21 3.70
CA LEU C 52 -15.85 22.07 2.24
C LEU C 52 -17.06 21.33 1.72
N ALA C 53 -17.51 20.36 2.48
CA ALA C 53 -18.69 19.58 2.11
C ALA C 53 -19.98 20.41 2.26
N GLY C 54 -20.06 21.14 3.38
CA GLY C 54 -21.10 22.14 3.55
C GLY C 54 -21.20 23.05 2.33
N ASN C 55 -20.05 23.48 1.80
CA ASN C 55 -20.06 24.33 0.59
C ASN C 55 -20.58 23.60 -0.61
N ALA C 56 -20.13 22.36 -0.82
CA ALA C 56 -20.63 21.61 -1.94
C ALA C 56 -22.15 21.39 -1.82
N ALA C 57 -22.64 21.12 -0.61
CA ALA C 57 -24.10 21.07 -0.35
C ALA C 57 -24.79 22.36 -0.83
N ARG C 58 -24.34 23.50 -0.33
CA ARG C 58 -24.89 24.82 -0.70
C ARG C 58 -24.86 25.07 -2.20
N ASP C 59 -23.72 24.79 -2.83
CA ASP C 59 -23.59 24.89 -4.30
C ASP C 59 -24.66 24.05 -5.07
N ASN C 60 -25.07 22.89 -4.52
CA ASN C 60 -26.07 22.02 -5.14
C ASN C 60 -27.43 22.32 -4.53
N LYS C 61 -27.61 23.53 -4.00
CA LYS C 61 -28.87 23.99 -3.45
C LYS C 61 -29.49 23.05 -2.42
N LYS C 62 -28.64 22.53 -1.52
CA LYS C 62 -29.04 21.57 -0.51
C LYS C 62 -28.58 22.03 0.84
N THR C 63 -29.32 21.57 1.83
CA THR C 63 -29.16 21.85 3.23
C THR C 63 -28.55 20.67 4.00
N ARG C 64 -28.73 19.47 3.47
CA ARG C 64 -28.23 18.27 4.10
C ARG C 64 -27.02 17.72 3.36
N ILE C 65 -25.88 17.69 4.04
CA ILE C 65 -24.67 17.03 3.53
C ILE C 65 -24.92 15.53 3.30
N ILE C 66 -24.71 15.04 2.07
CA ILE C 66 -24.79 13.61 1.70
C ILE C 66 -23.38 13.16 1.25
N PRO C 67 -23.21 11.84 0.97
CA PRO C 67 -21.87 11.36 0.62
C PRO C 67 -21.32 11.97 -0.65
N ARG C 68 -22.15 12.24 -1.63
CA ARG C 68 -21.66 12.97 -2.81
C ARG C 68 -20.99 14.28 -2.42
N HIS C 69 -21.52 15.02 -1.44
CA HIS C 69 -20.90 16.33 -1.09
C HIS C 69 -19.57 16.11 -0.46
N LEU C 70 -19.45 15.03 0.34
CA LEU C 70 -18.16 14.71 0.94
C LEU C 70 -17.12 14.35 -0.16
N GLN C 71 -17.57 13.67 -1.20
CA GLN C 71 -16.67 13.23 -2.25
C GLN C 71 -16.20 14.44 -3.06
N LEU C 72 -17.12 15.31 -3.44
CA LEU C 72 -16.72 16.56 -4.14
C LEU C 72 -15.76 17.40 -3.33
N ALA C 73 -15.98 17.48 -2.04
CA ALA C 73 -15.10 18.25 -1.17
C ALA C 73 -13.71 17.67 -1.13
N ILE C 74 -13.63 16.35 -0.93
CA ILE C 74 -12.38 15.65 -0.83
C ILE C 74 -11.67 15.70 -2.17
N ARG C 75 -12.36 15.40 -3.25
CA ARG C 75 -11.65 15.25 -4.50
C ARG C 75 -11.28 16.58 -5.12
N ASN C 76 -11.94 17.66 -4.74
CA ASN C 76 -11.58 18.99 -5.23
C ASN C 76 -10.52 19.70 -4.40
N ASP C 77 -10.14 19.15 -3.24
CA ASP C 77 -9.06 19.68 -2.42
C ASP C 77 -7.78 18.83 -2.58
N GLU C 78 -6.70 19.42 -3.08
CA GLU C 78 -5.47 18.69 -3.37
C GLU C 78 -5.00 17.85 -2.19
N GLU C 79 -5.06 18.42 -0.99
CA GLU C 79 -4.51 17.79 0.21
C GLU C 79 -5.37 16.68 0.81
N LEU C 80 -6.67 16.89 0.85
CA LEU C 80 -7.57 15.90 1.34
C LEU C 80 -7.59 14.76 0.35
N ASN C 81 -7.53 15.08 -0.94
CA ASN C 81 -7.45 14.10 -1.98
C ASN C 81 -6.20 13.19 -1.84
N LYS C 82 -5.04 13.76 -1.55
CA LYS C 82 -3.86 12.96 -1.28
C LYS C 82 -3.96 12.15 0.03
N LEU C 83 -4.41 12.79 1.11
CA LEU C 83 -4.62 12.07 2.38
C LEU C 83 -5.53 10.85 2.21
N LEU C 84 -6.58 11.01 1.41
CA LEU C 84 -7.59 9.97 1.19
C LEU C 84 -7.53 9.29 -0.21
N GLY C 85 -6.31 9.24 -0.79
CA GLY C 85 -6.14 8.81 -2.17
C GLY C 85 -6.36 7.32 -2.41
N ARG C 86 -6.26 6.49 -1.36
CA ARG C 86 -6.57 5.09 -1.42
C ARG C 86 -7.83 4.76 -0.61
N VAL C 87 -8.83 5.65 -0.63
CA VAL C 87 -10.10 5.43 0.09
C VAL C 87 -11.26 5.59 -0.91
N THR C 88 -12.31 4.82 -0.70
CA THR C 88 -13.53 4.90 -1.45
C THR C 88 -14.61 5.38 -0.50
N ILE C 89 -15.35 6.39 -0.93
CA ILE C 89 -16.49 6.92 -0.21
C ILE C 89 -17.66 6.31 -0.87
N ALA C 90 -18.38 5.48 -0.14
CA ALA C 90 -19.58 4.84 -0.67
C ALA C 90 -20.57 5.90 -1.07
N GLN C 91 -21.28 5.69 -2.17
CA GLN C 91 -22.26 6.63 -2.71
C GLN C 91 -21.70 8.03 -3.00
N GLY C 92 -20.39 8.04 -3.29
CA GLY C 92 -19.66 9.23 -3.62
C GLY C 92 -19.66 9.63 -5.07
N GLY C 93 -19.70 8.62 -5.94
CA GLY C 93 -19.52 8.84 -7.41
C GLY C 93 -18.14 9.38 -7.70
N VAL C 94 -18.00 10.04 -8.85
CA VAL C 94 -16.73 10.65 -9.28
C VAL C 94 -16.90 12.12 -9.65
N LEU C 95 -15.78 12.82 -9.84
CA LEU C 95 -15.84 14.16 -10.42
C LEU C 95 -16.19 14.15 -11.91
N PRO C 96 -17.05 15.07 -12.36
CA PRO C 96 -17.22 15.23 -13.84
C PRO C 96 -15.91 15.59 -14.53
N ASN C 97 -15.51 14.79 -15.49
CA ASN C 97 -14.24 14.94 -16.15
C ASN C 97 -14.23 14.12 -17.40
N ILE C 98 -14.17 14.83 -18.53
CA ILE C 98 -14.14 14.26 -19.86
C ILE C 98 -12.81 14.66 -20.48
N GLN C 99 -12.07 13.69 -20.99
CA GLN C 99 -10.80 13.98 -21.66
C GLN C 99 -11.11 14.77 -22.91
N ALA C 100 -10.29 15.79 -23.14
CA ALA C 100 -10.49 16.81 -24.20
C ALA C 100 -10.67 16.21 -25.59
N VAL C 101 -9.81 15.26 -25.97
CA VAL C 101 -9.88 14.64 -27.32
C VAL C 101 -11.19 13.96 -27.62
N LEU C 102 -11.95 13.62 -26.58
CA LEU C 102 -13.23 12.97 -26.75
C LEU C 102 -14.37 13.92 -27.12
N LEU C 103 -14.19 15.23 -26.93
CA LEU C 103 -15.24 16.19 -27.34
C LEU C 103 -15.34 16.31 -28.86
N PRO C 104 -16.53 16.62 -29.39
CA PRO C 104 -16.71 16.71 -30.85
C PRO C 104 -16.01 17.91 -31.52
N LYS C 105 -15.97 17.87 -32.86
CA LYS C 105 -15.45 18.95 -33.74
C LYS C 105 -13.91 19.03 -33.75
N LYS C 106 -13.33 20.23 -33.60
CA LYS C 106 -11.87 20.47 -33.67
C LYS C 106 -11.40 21.44 -32.57
N ARG D 1 -28.60 -4.83 21.50
CA ARG D 1 -28.74 -3.69 22.48
C ARG D 1 -27.46 -3.11 23.11
N SER D 2 -26.31 -3.78 22.98
CA SER D 2 -25.05 -3.24 23.54
C SER D 2 -24.67 -1.92 22.91
N ARG D 3 -24.07 -1.07 23.76
CA ARG D 3 -23.61 0.26 23.36
C ARG D 3 -22.61 0.19 22.19
N LYS D 4 -23.06 0.65 21.02
CA LYS D 4 -22.15 0.83 19.87
C LYS D 4 -21.86 2.32 19.73
N GLU D 5 -20.71 2.71 20.22
CA GLU D 5 -20.30 4.11 20.26
C GLU D 5 -19.81 4.62 18.90
N SER D 6 -19.89 5.94 18.72
CA SER D 6 -19.38 6.61 17.52
C SER D 6 -19.07 8.06 17.82
N TYR D 7 -18.43 8.72 16.86
CA TYR D 7 -18.08 10.12 16.95
C TYR D 7 -19.19 11.07 16.45
N SER D 8 -20.36 10.55 16.13
CA SER D 8 -21.47 11.34 15.63
C SER D 8 -21.75 12.65 16.37
N ILE D 9 -21.84 12.55 17.70
CA ILE D 9 -22.17 13.68 18.56
C ILE D 9 -21.27 14.86 18.31
N TYR D 10 -19.97 14.53 18.22
CA TYR D 10 -18.89 15.50 18.08
C TYR D 10 -18.75 15.99 16.65
N VAL D 11 -18.96 15.12 15.68
CA VAL D 11 -19.00 15.54 14.26
C VAL D 11 -20.10 16.58 14.07
N TYR D 12 -21.27 16.32 14.66
CA TYR D 12 -22.43 17.21 14.57
C TYR D 12 -22.17 18.59 15.26
N LYS D 13 -21.59 18.59 16.45
CA LYS D 13 -21.19 19.83 17.11
C LYS D 13 -20.29 20.65 16.20
N VAL D 14 -19.30 19.99 15.59
CA VAL D 14 -18.36 20.67 14.70
C VAL D 14 -19.06 21.14 13.42
N LEU D 15 -19.98 20.34 12.91
CA LEU D 15 -20.79 20.80 11.80
C LEU D 15 -21.53 22.11 12.16
N LYS D 16 -22.11 22.17 13.35
CA LYS D 16 -22.93 23.33 13.75
C LYS D 16 -22.09 24.57 13.90
N GLN D 17 -20.86 24.40 14.33
CA GLN D 17 -19.90 25.49 14.36
C GLN D 17 -19.54 26.07 13.00
N VAL D 18 -19.37 25.22 11.97
CA VAL D 18 -18.90 25.72 10.67
C VAL D 18 -20.00 26.13 9.76
N HIS D 19 -21.12 25.41 9.83
CA HIS D 19 -22.28 25.65 8.99
C HIS D 19 -23.54 25.49 9.84
N PRO D 20 -23.94 26.57 10.54
CA PRO D 20 -25.05 26.51 11.51
C PRO D 20 -26.38 26.00 10.97
N ASP D 21 -26.67 26.24 9.69
CA ASP D 21 -27.94 25.84 9.10
C ASP D 21 -27.89 24.57 8.24
N THR D 22 -26.78 23.82 8.31
CA THR D 22 -26.56 22.67 7.44
C THR D 22 -26.71 21.39 8.25
N GLY D 23 -27.44 20.44 7.69
CA GLY D 23 -27.58 19.11 8.33
C GLY D 23 -26.65 18.07 7.68
N ILE D 24 -26.84 16.82 8.04
CA ILE D 24 -26.04 15.75 7.49
C ILE D 24 -26.88 14.45 7.48
N SER D 25 -26.90 13.77 6.34
CA SER D 25 -27.58 12.43 6.28
C SER D 25 -26.85 11.39 7.14
N SER D 26 -27.56 10.34 7.57
CA SER D 26 -26.88 9.28 8.34
C SER D 26 -25.77 8.54 7.55
N LYS D 27 -25.93 8.41 6.25
CA LYS D 27 -24.86 7.85 5.42
C LYS D 27 -23.64 8.76 5.40
N ALA D 28 -23.89 10.08 5.30
CA ALA D 28 -22.78 11.02 5.39
C ALA D 28 -22.15 10.89 6.73
N MET D 29 -22.95 10.77 7.78
CA MET D 29 -22.39 10.54 9.12
C MET D 29 -21.58 9.26 9.22
N GLY D 30 -22.00 8.22 8.50
CA GLY D 30 -21.28 6.94 8.48
C GLY D 30 -19.91 7.08 7.93
N ILE D 31 -19.84 7.79 6.81
CA ILE D 31 -18.57 8.18 6.21
C ILE D 31 -17.69 9.01 7.14
N MET D 32 -18.27 10.02 7.79
CA MET D 32 -17.47 10.87 8.70
C MET D 32 -16.92 10.04 9.84
N ASN D 33 -17.73 9.09 10.31
CA ASN D 33 -17.24 8.13 11.31
C ASN D 33 -16.09 7.22 10.89
N SER D 34 -16.20 6.67 9.68
CA SER D 34 -15.11 5.89 9.08
C SER D 34 -13.84 6.73 8.95
N PHE D 35 -14.00 7.98 8.48
CA PHE D 35 -12.87 8.91 8.32
C PHE D 35 -12.14 9.14 9.63
N VAL D 36 -12.87 9.38 10.72
CA VAL D 36 -12.19 9.62 12.04
C VAL D 36 -11.49 8.38 12.56
N ASN D 37 -12.18 7.23 12.52
CA ASN D 37 -11.56 5.94 12.90
C ASN D 37 -10.33 5.67 12.06
N ASP D 38 -10.44 5.88 10.75
CA ASP D 38 -9.29 5.68 9.88
C ASP D 38 -8.09 6.56 10.27
N ILE D 39 -8.27 7.88 10.35
CA ILE D 39 -7.17 8.80 10.71
C ILE D 39 -6.62 8.53 12.12
N PHE D 40 -7.47 8.12 13.06
CA PHE D 40 -7.01 7.71 14.39
C PHE D 40 -5.96 6.59 14.30
N GLU D 41 -6.32 5.50 13.62
CA GLU D 41 -5.45 4.33 13.46
C GLU D 41 -4.18 4.71 12.77
N ARG D 42 -4.27 5.48 11.69
CA ARG D 42 -3.03 5.86 11.00
C ARG D 42 -2.08 6.65 11.88
N ILE D 43 -2.63 7.65 12.61
CA ILE D 43 -1.77 8.45 13.48
C ILE D 43 -1.28 7.58 14.62
N ALA D 44 -2.18 6.81 15.24
CA ALA D 44 -1.76 5.97 16.38
C ALA D 44 -0.69 4.96 15.99
N GLY D 45 -0.90 4.31 14.84
CA GLY D 45 0.08 3.39 14.27
C GLY D 45 1.45 4.01 13.96
N GLU D 46 1.48 5.16 13.27
CA GLU D 46 2.77 5.85 13.11
C GLU D 46 3.42 6.17 14.46
N ALA D 47 2.62 6.61 15.43
CA ALA D 47 3.15 6.93 16.75
C ALA D 47 3.74 5.71 17.44
N SER D 48 3.01 4.58 17.39
CA SER D 48 3.46 3.29 17.93
C SER D 48 4.81 2.89 17.37
N ARG D 49 4.88 2.81 16.04
CA ARG D 49 6.12 2.52 15.32
C ARG D 49 7.27 3.43 15.72
N LEU D 50 7.00 4.73 15.70
CA LEU D 50 8.00 5.74 16.02
C LEU D 50 8.58 5.59 17.44
N ALA D 51 7.73 5.30 18.42
CA ALA D 51 8.16 5.02 19.79
C ALA D 51 9.03 3.75 19.86
N HIS D 52 8.58 2.68 19.21
CA HIS D 52 9.36 1.45 19.13
C HIS D 52 10.72 1.67 18.51
N TYR D 53 10.76 2.38 17.39
CA TYR D 53 12.03 2.71 16.73
C TYR D 53 13.01 3.42 17.68
N ASN D 54 12.50 4.24 18.59
CA ASN D 54 13.34 4.94 19.57
C ASN D 54 13.39 4.29 20.96
N LYS D 55 13.01 3.01 21.06
CA LYS D 55 13.07 2.25 22.33
C LYS D 55 12.37 2.96 23.50
N ARG D 56 11.26 3.62 23.19
CA ARG D 56 10.42 4.28 24.17
C ARG D 56 9.24 3.37 24.36
N SER D 57 8.70 3.35 25.56
CA SER D 57 7.48 2.63 25.89
C SER D 57 6.27 3.56 26.04
N THR D 58 6.48 4.86 25.85
CA THR D 58 5.41 5.84 26.07
C THR D 58 5.15 6.62 24.78
N ILE D 59 3.87 6.72 24.42
CA ILE D 59 3.41 7.59 23.36
C ILE D 59 2.99 8.91 24.01
N THR D 60 3.73 9.96 23.71
CA THR D 60 3.43 11.32 24.19
C THR D 60 2.93 12.20 23.04
N SER D 61 2.57 13.43 23.37
CA SER D 61 2.15 14.38 22.33
C SER D 61 3.29 14.63 21.31
N ARG D 62 4.53 14.38 21.69
CA ARG D 62 5.65 14.47 20.75
C ARG D 62 5.64 13.36 19.66
N GLU D 63 5.19 12.16 20.02
CA GLU D 63 5.02 11.06 19.07
C GLU D 63 3.82 11.34 18.16
N ILE D 64 2.72 11.84 18.72
CA ILE D 64 1.57 12.21 17.93
C ILE D 64 1.98 13.30 16.94
N GLN D 65 2.72 14.29 17.42
CA GLN D 65 3.08 15.42 16.58
C GLN D 65 3.86 14.96 15.35
N THR D 66 4.87 14.13 15.57
CA THR D 66 5.69 13.63 14.48
C THR D 66 4.85 12.75 13.50
N ALA D 67 3.98 11.92 14.05
CA ALA D 67 3.13 11.05 13.24
C ALA D 67 2.26 11.93 12.36
N VAL D 68 1.80 13.06 12.89
CA VAL D 68 1.00 13.98 12.10
C VAL D 68 1.83 14.60 10.97
N ARG D 69 3.11 14.89 11.22
CA ARG D 69 3.98 15.44 10.15
C ARG D 69 4.33 14.42 9.09
N LEU D 70 4.47 13.16 9.48
CA LEU D 70 4.62 12.07 8.54
C LEU D 70 3.36 11.76 7.72
N LEU D 71 2.17 11.82 8.32
CA LEU D 71 0.93 11.43 7.64
C LEU D 71 0.24 12.48 6.77
N LEU D 72 0.18 13.71 7.25
CA LEU D 72 -0.60 14.70 6.57
C LEU D 72 0.25 15.45 5.58
N PRO D 73 -0.34 15.87 4.46
CA PRO D 73 0.39 16.76 3.55
C PRO D 73 0.44 18.21 4.03
N GLY D 74 1.44 18.91 3.49
CA GLY D 74 1.78 20.29 3.73
C GLY D 74 0.96 21.13 4.66
N GLU D 75 0.01 21.85 4.12
CA GLU D 75 -0.77 22.79 4.90
C GLU D 75 -1.60 22.12 5.97
N LEU D 76 -2.16 20.93 5.69
CA LEU D 76 -3.01 20.28 6.68
C LEU D 76 -2.15 19.89 7.89
N ALA D 77 -0.91 19.50 7.64
CA ALA D 77 -0.03 19.17 8.73
C ALA D 77 0.17 20.43 9.58
N LYS D 78 0.61 21.51 8.93
CA LYS D 78 0.91 22.78 9.63
C LYS D 78 -0.22 23.20 10.53
N HIS D 79 -1.40 23.29 9.95
CA HIS D 79 -2.56 23.70 10.72
C HIS D 79 -2.90 22.67 11.83
N ALA D 80 -2.79 21.37 11.52
CA ALA D 80 -3.08 20.33 12.51
C ALA D 80 -2.15 20.41 13.72
N VAL D 81 -0.85 20.50 13.45
CA VAL D 81 0.16 20.72 14.47
C VAL D 81 -0.12 21.97 15.34
N SER D 82 -0.56 23.07 14.74
CA SER D 82 -0.89 24.28 15.52
C SER D 82 -2.03 24.00 16.45
N GLU D 83 -3.10 23.39 15.94
CA GLU D 83 -4.29 23.15 16.77
C GLU D 83 -3.99 22.17 17.92
N GLY D 84 -3.13 21.19 17.67
CA GLY D 84 -2.77 20.23 18.68
C GLY D 84 -1.80 20.76 19.74
N THR D 85 -0.79 21.52 19.30
CA THR D 85 0.13 22.20 20.22
C THR D 85 -0.66 23.13 21.18
N LYS D 86 -1.59 23.87 20.59
CA LYS D 86 -2.45 24.82 21.31
C LYS D 86 -3.45 24.15 22.24
N ALA D 87 -3.96 22.99 21.86
CA ALA D 87 -4.82 22.22 22.74
C ALA D 87 -4.07 21.66 23.95
N VAL D 88 -2.78 21.39 23.80
CA VAL D 88 -1.99 20.81 24.87
C VAL D 88 -1.55 21.93 25.82
N THR D 89 -0.79 22.90 25.32
CA THR D 89 -0.48 24.15 26.02
C THR D 89 -1.68 24.68 26.85
N LYS D 90 -2.86 24.76 26.27
CA LYS D 90 -4.07 25.14 27.02
C LYS D 90 -4.44 24.11 28.08
N TYR D 91 -4.39 22.83 27.72
CA TYR D 91 -4.74 21.75 28.63
C TYR D 91 -3.84 21.68 29.86
N THR D 92 -2.55 21.86 29.63
CA THR D 92 -1.50 21.89 30.65
C THR D 92 -1.70 23.07 31.62
N SER D 93 -1.96 24.26 31.07
CA SER D 93 -2.19 25.45 31.90
C SER D 93 -3.59 25.52 32.56
N ALA D 94 -4.42 24.49 32.36
CA ALA D 94 -5.75 24.43 32.96
C ALA D 94 -5.91 23.28 33.98
N LYS D 95 -4.92 23.10 34.85
CA LYS D 95 -5.12 22.40 36.13
C LYS D 95 -4.19 23.00 37.20
N PRO E 1 -36.99 10.41 -39.97
CA PRO E 1 -36.73 9.80 -38.67
C PRO E 1 -35.37 10.21 -38.08
N HIS E 2 -35.38 10.76 -36.87
CA HIS E 2 -34.21 11.47 -36.31
C HIS E 2 -33.13 10.61 -35.61
N ARG E 3 -31.86 10.92 -35.90
CA ARG E 3 -30.69 10.17 -35.42
C ARG E 3 -29.60 11.06 -34.88
N TYR E 4 -29.10 10.76 -33.67
CA TYR E 4 -27.85 11.39 -33.22
C TYR E 4 -26.68 10.68 -33.86
N ARG E 5 -25.64 11.42 -34.18
CA ARG E 5 -24.43 10.83 -34.75
C ARG E 5 -23.67 9.99 -33.69
N PRO E 6 -22.92 8.94 -34.12
CA PRO E 6 -22.10 8.19 -33.18
C PRO E 6 -21.19 9.07 -32.28
N GLY E 7 -21.33 8.92 -30.97
CA GLY E 7 -20.53 9.69 -29.99
C GLY E 7 -21.36 10.67 -29.19
N THR E 8 -22.43 11.19 -29.79
CA THR E 8 -23.25 12.20 -29.15
C THR E 8 -23.99 11.65 -27.95
N VAL E 9 -24.57 10.45 -28.07
CA VAL E 9 -25.30 9.85 -26.96
C VAL E 9 -24.27 9.32 -25.92
N ALA E 10 -23.16 8.74 -26.40
CA ALA E 10 -22.08 8.33 -25.50
C ALA E 10 -21.63 9.49 -24.58
N LEU E 11 -21.40 10.69 -25.14
CA LEU E 11 -21.05 11.88 -24.33
C LEU E 11 -22.13 12.30 -23.35
N ARG E 12 -23.38 12.25 -23.80
CA ARG E 12 -24.51 12.50 -22.90
C ARG E 12 -24.53 11.50 -21.70
N GLU E 13 -24.22 10.23 -21.98
CA GLU E 13 -24.18 9.19 -20.95
C GLU E 13 -23.03 9.41 -19.95
N ILE E 14 -21.86 9.79 -20.47
CA ILE E 14 -20.74 10.18 -19.60
C ILE E 14 -21.16 11.34 -18.65
N ARG E 15 -21.78 12.39 -19.17
CA ARG E 15 -22.25 13.50 -18.31
C ARG E 15 -23.26 12.98 -17.31
N ARG E 16 -24.15 12.13 -17.76
CA ARG E 16 -25.24 11.66 -16.87
C ARG E 16 -24.70 10.83 -15.71
N TYR E 17 -23.88 9.83 -16.02
CA TYR E 17 -23.36 8.94 -14.99
C TYR E 17 -22.30 9.58 -14.09
N GLN E 18 -21.53 10.51 -14.63
CA GLN E 18 -20.56 11.25 -13.81
C GLN E 18 -21.19 12.20 -12.83
N LYS E 19 -22.46 12.54 -13.07
CA LYS E 19 -23.24 13.41 -12.21
C LYS E 19 -23.89 12.67 -11.05
N SER E 20 -24.15 11.38 -11.23
CA SER E 20 -24.99 10.63 -10.28
C SER E 20 -24.11 9.65 -9.50
N THR E 21 -24.67 9.11 -8.41
CA THR E 21 -23.93 8.19 -7.56
C THR E 21 -24.55 6.77 -7.43
N GLU E 22 -25.64 6.48 -8.12
CA GLU E 22 -26.33 5.22 -7.88
C GLU E 22 -25.51 4.04 -8.46
N LEU E 23 -25.62 2.90 -7.81
CA LEU E 23 -24.99 1.69 -8.37
C LEU E 23 -25.52 1.37 -9.76
N LEU E 24 -24.60 0.99 -10.64
CA LEU E 24 -24.85 0.77 -12.03
C LEU E 24 -25.02 -0.72 -12.42
N ILE E 25 -24.65 -1.64 -11.54
CA ILE E 25 -24.89 -3.09 -11.76
C ILE E 25 -26.21 -3.41 -11.04
N ARG E 26 -27.09 -4.20 -11.67
CA ARG E 26 -28.39 -4.60 -11.08
C ARG E 26 -28.13 -5.38 -9.78
N LYS E 27 -28.92 -5.15 -8.73
CA LYS E 27 -28.63 -5.71 -7.41
C LYS E 27 -28.71 -7.24 -7.33
N LEU E 28 -29.78 -7.85 -7.84
CA LEU E 28 -29.98 -9.29 -7.62
C LEU E 28 -28.88 -10.13 -8.29
N PRO E 29 -28.59 -9.87 -9.57
CA PRO E 29 -27.50 -10.53 -10.23
C PRO E 29 -26.18 -10.41 -9.51
N PHE E 30 -25.84 -9.21 -9.00
CA PHE E 30 -24.59 -9.01 -8.28
C PHE E 30 -24.61 -9.88 -7.05
N GLN E 31 -25.72 -9.91 -6.32
CA GLN E 31 -25.87 -10.74 -5.12
C GLN E 31 -25.69 -12.26 -5.42
N ARG E 32 -26.21 -12.71 -6.54
CA ARG E 32 -26.06 -14.12 -6.96
C ARG E 32 -24.61 -14.46 -7.24
N LEU E 33 -23.93 -13.54 -7.93
CA LEU E 33 -22.52 -13.71 -8.23
C LEU E 33 -21.66 -13.79 -6.94
N VAL E 34 -21.96 -12.94 -5.94
CA VAL E 34 -21.27 -12.99 -4.64
C VAL E 34 -21.46 -14.35 -3.99
N ARG E 35 -22.71 -14.79 -3.95
CA ARG E 35 -23.07 -16.06 -3.30
C ARG E 35 -22.45 -17.25 -3.97
N GLU E 36 -22.44 -17.26 -5.30
CA GLU E 36 -21.75 -18.28 -6.08
C GLU E 36 -20.26 -18.36 -5.80
N ILE E 37 -19.58 -17.21 -5.78
CA ILE E 37 -18.11 -17.20 -5.59
C ILE E 37 -17.83 -17.62 -4.16
N ALA E 38 -18.52 -17.07 -3.19
CA ALA E 38 -18.28 -17.45 -1.80
C ALA E 38 -18.54 -18.91 -1.53
N GLN E 39 -19.59 -19.45 -2.16
CA GLN E 39 -19.97 -20.84 -1.99
C GLN E 39 -18.86 -21.77 -2.47
N ASP E 40 -18.24 -21.45 -3.60
CA ASP E 40 -17.06 -22.18 -4.03
C ASP E 40 -15.88 -22.13 -3.06
N PHE E 41 -15.79 -21.14 -2.17
CA PHE E 41 -14.77 -21.18 -1.09
C PHE E 41 -15.26 -21.90 0.14
N LYS E 42 -16.53 -21.75 0.47
CA LYS E 42 -17.10 -22.30 1.70
C LYS E 42 -18.63 -22.44 1.53
N THR E 43 -19.14 -23.64 1.79
CA THR E 43 -20.59 -23.92 1.72
C THR E 43 -21.32 -23.41 2.93
N ASP E 44 -22.62 -23.13 2.77
CA ASP E 44 -23.54 -22.85 3.89
C ASP E 44 -23.27 -21.50 4.58
N LEU E 45 -22.67 -20.57 3.84
CA LEU E 45 -22.47 -19.20 4.32
C LEU E 45 -23.73 -18.37 4.13
N ARG E 46 -23.97 -17.48 5.08
CA ARG E 46 -24.97 -16.41 4.96
C ARG E 46 -24.23 -15.06 4.82
N PHE E 47 -24.95 -14.03 4.38
CA PHE E 47 -24.42 -12.68 4.22
C PHE E 47 -25.35 -11.67 4.82
N GLN E 48 -24.84 -10.82 5.73
CA GLN E 48 -25.56 -9.55 6.04
C GLN E 48 -25.80 -8.80 4.72
N SER E 49 -26.95 -8.19 4.58
CA SER E 49 -27.24 -7.48 3.33
C SER E 49 -26.26 -6.29 3.13
N SER E 50 -25.86 -5.61 4.19
CA SER E 50 -24.86 -4.56 4.09
C SER E 50 -23.46 -5.06 3.63
N ALA E 51 -23.12 -6.31 3.94
CA ALA E 51 -21.93 -6.96 3.40
C ALA E 51 -21.94 -7.03 1.89
N VAL E 52 -23.08 -7.38 1.34
CA VAL E 52 -23.21 -7.52 -0.12
C VAL E 52 -23.15 -6.14 -0.78
N MET E 53 -23.79 -5.17 -0.13
CA MET E 53 -23.76 -3.78 -0.58
C MET E 53 -22.35 -3.18 -0.48
N ALA E 54 -21.63 -3.46 0.61
CA ALA E 54 -20.22 -3.05 0.72
C ALA E 54 -19.37 -3.61 -0.43
N LEU E 55 -19.56 -4.88 -0.79
CA LEU E 55 -18.86 -5.49 -1.93
C LEU E 55 -19.23 -4.82 -3.22
N GLN E 56 -20.49 -4.51 -3.41
CA GLN E 56 -20.91 -3.90 -4.66
C GLN E 56 -20.37 -2.46 -4.81
N GLU E 57 -20.38 -1.69 -3.73
CA GLU E 57 -19.77 -0.34 -3.73
C GLU E 57 -18.27 -0.46 -4.01
N ALA E 58 -17.60 -1.44 -3.41
CA ALA E 58 -16.18 -1.58 -3.70
C ALA E 58 -15.91 -1.98 -5.15
N CYS E 59 -16.71 -2.90 -5.70
CA CYS E 59 -16.44 -3.44 -7.02
C CYS E 59 -16.67 -2.40 -8.07
N GLU E 60 -17.80 -1.72 -7.96
CA GLU E 60 -18.09 -0.59 -8.85
C GLU E 60 -17.04 0.54 -8.78
N ALA E 61 -16.59 0.93 -7.59
CA ALA E 61 -15.58 1.99 -7.51
C ALA E 61 -14.26 1.56 -8.12
N TYR E 62 -13.87 0.29 -7.90
CA TYR E 62 -12.69 -0.30 -8.55
C TYR E 62 -12.84 -0.28 -10.07
N LEU E 63 -13.97 -0.76 -10.60
CA LEU E 63 -14.13 -0.80 -12.06
C LEU E 63 -14.15 0.57 -12.73
N VAL E 64 -14.84 1.54 -12.12
CA VAL E 64 -14.87 2.90 -12.64
C VAL E 64 -13.44 3.44 -12.74
N GLY E 65 -12.70 3.27 -11.64
CA GLY E 65 -11.29 3.72 -11.55
C GLY E 65 -10.43 3.07 -12.61
N LEU E 66 -10.65 1.76 -12.84
CA LEU E 66 -9.92 1.00 -13.86
C LEU E 66 -10.24 1.49 -15.25
N PHE E 67 -11.53 1.73 -15.51
CA PHE E 67 -11.88 2.33 -16.81
C PHE E 67 -11.27 3.73 -17.03
N GLU E 68 -11.08 4.54 -15.98
CA GLU E 68 -10.41 5.85 -16.18
C GLU E 68 -9.02 5.61 -16.67
N ASP E 69 -8.29 4.72 -15.98
CA ASP E 69 -6.90 4.38 -16.36
C ASP E 69 -6.82 3.75 -17.75
N THR E 70 -7.76 2.87 -18.04
CA THR E 70 -7.84 2.19 -19.34
C THR E 70 -8.03 3.22 -20.44
N ASN E 71 -8.94 4.17 -20.21
CA ASN E 71 -9.23 5.26 -21.15
C ASN E 71 -8.00 6.09 -21.43
N LEU E 72 -7.18 6.33 -20.40
CA LEU E 72 -5.91 7.04 -20.58
C LEU E 72 -4.93 6.21 -21.42
N CYS E 73 -4.91 4.90 -21.18
CA CYS E 73 -4.11 4.00 -22.04
C CYS E 73 -4.54 4.01 -23.53
N ALA E 74 -5.84 4.01 -23.82
CA ALA E 74 -6.31 4.13 -25.22
C ALA E 74 -5.88 5.46 -25.86
N ILE E 75 -6.18 6.56 -25.17
CA ILE E 75 -5.85 7.90 -25.65
C ILE E 75 -4.35 8.06 -25.88
N HIS E 76 -3.54 7.46 -25.02
CA HIS E 76 -2.08 7.46 -25.21
C HIS E 76 -1.66 6.79 -26.52
N ALA E 77 -2.42 5.77 -26.92
CA ALA E 77 -2.26 5.11 -28.22
C ALA E 77 -2.91 5.82 -29.40
N LYS E 78 -3.38 7.06 -29.19
CA LYS E 78 -4.05 7.86 -30.22
C LYS E 78 -5.37 7.23 -30.71
N ARG E 79 -6.04 6.50 -29.82
CA ARG E 79 -7.37 5.99 -30.06
C ARG E 79 -8.37 6.65 -29.10
N VAL E 80 -9.65 6.39 -29.34
CA VAL E 80 -10.75 6.81 -28.47
C VAL E 80 -11.56 5.57 -28.01
N THR E 81 -11.13 4.40 -28.43
CA THR E 81 -11.84 3.15 -28.20
C THR E 81 -11.00 2.33 -27.24
N ILE E 82 -11.56 1.98 -26.08
CA ILE E 82 -10.83 1.12 -25.14
C ILE E 82 -10.87 -0.35 -25.61
N MET E 83 -9.73 -1.00 -25.50
CA MET E 83 -9.53 -2.38 -25.92
C MET E 83 -8.95 -3.20 -24.76
N PRO E 84 -9.05 -4.54 -24.86
CA PRO E 84 -8.49 -5.37 -23.79
C PRO E 84 -7.03 -5.05 -23.46
N LYS E 85 -6.22 -4.76 -24.47
CA LYS E 85 -4.83 -4.39 -24.24
C LYS E 85 -4.66 -3.11 -23.37
N ASP E 86 -5.61 -2.19 -23.41
CA ASP E 86 -5.58 -0.99 -22.53
C ASP E 86 -5.81 -1.38 -21.06
N ILE E 87 -6.81 -2.23 -20.80
CA ILE E 87 -7.08 -2.71 -19.46
C ILE E 87 -5.83 -3.43 -18.90
N GLN E 88 -5.26 -4.35 -19.69
CA GLN E 88 -4.06 -5.14 -19.34
C GLN E 88 -2.87 -4.24 -19.04
N LEU E 89 -2.68 -3.19 -19.83
CA LEU E 89 -1.59 -2.27 -19.56
C LEU E 89 -1.83 -1.49 -18.25
N ALA E 90 -3.05 -1.04 -18.05
CA ALA E 90 -3.40 -0.35 -16.81
C ALA E 90 -3.15 -1.23 -15.59
N ARG E 91 -3.62 -2.46 -15.66
CA ARG E 91 -3.44 -3.44 -14.58
C ARG E 91 -1.96 -3.79 -14.30
N ARG E 92 -1.18 -3.90 -15.36
CA ARG E 92 0.26 -4.17 -15.24
C ARG E 92 0.97 -2.99 -14.55
N ILE E 93 0.70 -1.77 -14.97
CA ILE E 93 1.34 -0.60 -14.37
C ILE E 93 0.89 -0.34 -12.93
N ARG E 94 -0.39 -0.58 -12.65
CA ARG E 94 -0.90 -0.58 -11.28
C ARG E 94 -0.32 -1.66 -10.36
N GLY E 95 0.41 -2.64 -10.88
CA GLY E 95 0.96 -3.67 -10.05
C GLY E 95 -0.06 -4.69 -9.60
N GLU E 96 -1.18 -4.78 -10.32
CA GLU E 96 -2.16 -5.84 -10.10
C GLU E 96 -1.71 -7.14 -10.76
N ARG E 97 -0.82 -7.00 -11.73
CA ARG E 97 -0.27 -8.13 -12.42
C ARG E 97 1.19 -7.82 -12.83
N ALA E 98 1.81 -6.77 -12.24
CA ALA E 98 3.13 -6.20 -12.70
C ALA E 98 4.26 -7.19 -13.17
N LYS F 1 -36.24 -31.05 4.80
CA LYS F 1 -35.91 -29.59 4.76
C LYS F 1 -35.41 -29.10 3.38
N ARG F 2 -35.20 -27.78 3.29
CA ARG F 2 -34.74 -27.12 2.04
C ARG F 2 -33.22 -27.20 1.83
N HIS F 3 -32.73 -26.59 0.75
CA HIS F 3 -31.42 -26.91 0.15
C HIS F 3 -30.56 -25.69 -0.21
N ARG F 4 -30.96 -25.03 -1.30
CA ARG F 4 -30.20 -24.08 -2.14
C ARG F 4 -30.33 -24.61 -3.58
N LYS F 5 -30.64 -23.72 -4.53
CA LYS F 5 -30.57 -24.03 -5.95
C LYS F 5 -29.11 -23.84 -6.39
N VAL F 6 -28.70 -24.66 -7.33
CA VAL F 6 -27.36 -24.61 -7.91
C VAL F 6 -27.13 -23.25 -8.59
N LEU F 7 -26.05 -22.60 -8.18
CA LEU F 7 -25.66 -21.30 -8.73
C LEU F 7 -24.60 -21.56 -9.76
N ARG F 8 -24.85 -21.14 -10.99
CA ARG F 8 -23.91 -21.34 -12.08
C ARG F 8 -23.98 -20.16 -13.03
N ASP F 9 -22.83 -19.79 -13.62
CA ASP F 9 -22.78 -18.80 -14.69
C ASP F 9 -23.28 -17.36 -14.33
N ASN F 10 -23.21 -17.01 -13.07
CA ASN F 10 -23.80 -15.73 -12.62
C ASN F 10 -23.00 -14.52 -13.00
N ILE F 11 -21.76 -14.73 -13.45
CA ILE F 11 -20.96 -13.69 -14.00
C ILE F 11 -21.66 -13.03 -15.19
N GLN F 12 -22.59 -13.75 -15.84
CA GLN F 12 -23.28 -13.23 -17.04
C GLN F 12 -24.38 -12.23 -16.68
N GLY F 13 -24.73 -12.18 -15.40
CA GLY F 13 -25.57 -11.12 -14.85
C GLY F 13 -24.90 -9.73 -14.85
N ILE F 14 -23.58 -9.69 -14.99
CA ILE F 14 -22.85 -8.46 -15.24
C ILE F 14 -22.95 -8.26 -16.75
N THR F 15 -24.03 -7.61 -17.15
CA THR F 15 -24.41 -7.49 -18.53
C THR F 15 -23.66 -6.39 -19.27
N LYS F 16 -23.72 -6.48 -20.59
CA LYS F 16 -23.10 -5.54 -21.49
C LYS F 16 -23.51 -4.09 -21.18
N PRO F 17 -24.82 -3.85 -20.94
CA PRO F 17 -25.21 -2.50 -20.56
C PRO F 17 -24.70 -2.04 -19.19
N ALA F 18 -24.66 -2.92 -18.20
CA ALA F 18 -24.14 -2.50 -16.90
C ALA F 18 -22.66 -2.10 -17.02
N ILE F 19 -21.92 -2.82 -17.87
CA ILE F 19 -20.52 -2.52 -18.10
C ILE F 19 -20.33 -1.22 -18.89
N ARG F 20 -21.19 -0.96 -19.86
CA ARG F 20 -21.18 0.31 -20.54
C ARG F 20 -21.31 1.45 -19.55
N ARG F 21 -22.29 1.32 -18.65
CA ARG F 21 -22.56 2.34 -17.68
C ARG F 21 -21.36 2.64 -16.80
N LEU F 22 -20.71 1.60 -16.31
CA LEU F 22 -19.52 1.76 -15.50
C LEU F 22 -18.41 2.47 -16.28
N ALA F 23 -18.24 2.09 -17.55
CA ALA F 23 -17.25 2.77 -18.41
C ALA F 23 -17.57 4.27 -18.60
N ARG F 24 -18.84 4.60 -18.73
CA ARG F 24 -19.31 5.96 -18.89
C ARG F 24 -18.94 6.77 -17.67
N ARG F 25 -19.26 6.23 -16.51
CA ARG F 25 -18.86 6.90 -15.28
C ARG F 25 -17.36 7.14 -15.24
N GLY F 26 -16.60 6.21 -15.81
CA GLY F 26 -15.17 6.29 -15.93
C GLY F 26 -14.66 7.10 -17.08
N GLY F 27 -15.56 7.75 -17.83
CA GLY F 27 -15.15 8.71 -18.88
C GLY F 27 -14.97 8.17 -20.29
N VAL F 28 -15.45 6.93 -20.53
CA VAL F 28 -15.16 6.23 -21.76
C VAL F 28 -16.20 6.52 -22.82
N LYS F 29 -15.76 6.84 -24.03
CA LYS F 29 -16.67 7.20 -25.12
C LYS F 29 -16.98 6.03 -26.06
N ARG F 30 -15.96 5.26 -26.44
CA ARG F 30 -16.09 4.15 -27.37
C ARG F 30 -15.47 2.88 -26.79
N ILE F 31 -16.14 1.77 -27.02
CA ILE F 31 -15.89 0.51 -26.35
C ILE F 31 -15.83 -0.68 -27.33
N SER F 32 -14.64 -1.26 -27.51
CA SER F 32 -14.48 -2.49 -28.31
C SER F 32 -15.32 -3.65 -27.79
N GLY F 33 -15.82 -4.49 -28.70
CA GLY F 33 -16.73 -5.61 -28.34
C GLY F 33 -16.10 -6.67 -27.45
N LEU F 34 -14.77 -6.72 -27.43
CA LEU F 34 -14.07 -7.63 -26.53
C LEU F 34 -13.98 -7.17 -25.05
N ILE F 35 -14.37 -5.92 -24.75
CA ILE F 35 -14.21 -5.35 -23.42
C ILE F 35 -15.06 -6.05 -22.38
N TYR F 36 -16.23 -6.52 -22.79
CA TYR F 36 -17.21 -7.06 -21.85
C TYR F 36 -16.74 -8.34 -21.18
N GLU F 37 -16.20 -9.28 -21.95
CA GLU F 37 -15.61 -10.50 -21.36
C GLU F 37 -14.35 -10.22 -20.55
N GLU F 38 -13.51 -9.32 -21.05
CA GLU F 38 -12.33 -8.94 -20.31
C GLU F 38 -12.69 -8.29 -18.94
N THR F 39 -13.78 -7.53 -18.91
CA THR F 39 -14.19 -6.86 -17.70
C THR F 39 -14.77 -7.88 -16.70
N ARG F 40 -15.65 -8.76 -17.18
CA ARG F 40 -16.12 -9.91 -16.37
C ARG F 40 -15.00 -10.68 -15.69
N GLY F 41 -13.94 -10.96 -16.45
CA GLY F 41 -12.77 -11.64 -15.88
C GLY F 41 -12.02 -10.85 -14.80
N VAL F 42 -11.80 -9.57 -15.05
CA VAL F 42 -11.16 -8.68 -14.06
C VAL F 42 -12.06 -8.58 -12.84
N LEU F 43 -13.37 -8.47 -13.05
CA LEU F 43 -14.28 -8.37 -11.93
C LEU F 43 -14.26 -9.62 -11.08
N LYS F 44 -14.25 -10.79 -11.73
CA LYS F 44 -14.26 -12.05 -11.00
C LYS F 44 -13.04 -12.18 -10.11
N VAL F 45 -11.87 -11.88 -10.68
CA VAL F 45 -10.64 -11.89 -9.91
C VAL F 45 -10.76 -10.99 -8.70
N PHE F 46 -11.25 -9.76 -8.90
CA PHE F 46 -11.29 -8.80 -7.81
C PHE F 46 -12.24 -9.28 -6.71
N LEU F 47 -13.43 -9.75 -7.12
CA LEU F 47 -14.37 -10.37 -6.14
C LEU F 47 -13.84 -11.60 -5.38
N GLU F 48 -13.24 -12.54 -6.10
CA GLU F 48 -12.68 -13.72 -5.48
C GLU F 48 -11.72 -13.30 -4.40
N ASN F 49 -10.81 -12.39 -4.74
CA ASN F 49 -9.78 -11.97 -3.77
C ASN F 49 -10.38 -11.34 -2.52
N VAL F 50 -11.41 -10.51 -2.67
CA VAL F 50 -11.98 -9.82 -1.52
C VAL F 50 -12.80 -10.80 -0.70
N ILE F 51 -13.67 -11.54 -1.36
CA ILE F 51 -14.46 -12.61 -0.69
C ILE F 51 -13.59 -13.64 0.04
N ARG F 52 -12.51 -14.08 -0.59
CA ARG F 52 -11.58 -15.00 0.06
C ARG F 52 -11.14 -14.47 1.40
N ASP F 53 -10.67 -13.21 1.43
CA ASP F 53 -10.21 -12.59 2.68
C ASP F 53 -11.37 -12.40 3.63
N ALA F 54 -12.50 -11.93 3.14
CA ALA F 54 -13.65 -11.74 4.04
C ALA F 54 -14.11 -13.05 4.68
N VAL F 55 -14.22 -14.10 3.88
CA VAL F 55 -14.60 -15.44 4.41
C VAL F 55 -13.56 -15.97 5.40
N THR F 56 -12.30 -15.66 5.17
CA THR F 56 -11.28 -16.05 6.12
C THR F 56 -11.52 -15.40 7.47
N TYR F 57 -11.84 -14.10 7.50
CA TYR F 57 -12.19 -13.45 8.78
C TYR F 57 -13.45 -14.06 9.41
N THR F 58 -14.45 -14.37 8.59
CA THR F 58 -15.65 -15.04 9.09
C THR F 58 -15.31 -16.36 9.81
N GLU F 59 -14.60 -17.23 9.10
CA GLU F 59 -14.21 -18.53 9.65
C GLU F 59 -13.36 -18.40 10.90
N HIS F 60 -12.51 -17.38 10.95
CA HIS F 60 -11.67 -17.19 12.12
C HIS F 60 -12.48 -16.85 13.35
N ALA F 61 -13.54 -16.06 13.14
CA ALA F 61 -14.47 -15.67 14.18
C ALA F 61 -15.47 -16.77 14.54
N LYS F 62 -15.48 -17.88 13.79
CA LYS F 62 -16.36 -19.04 14.02
C LYS F 62 -17.83 -18.74 13.73
N ARG F 63 -18.06 -17.85 12.77
CA ARG F 63 -19.41 -17.53 12.31
C ARG F 63 -19.69 -18.19 10.99
N LYS F 64 -20.97 -18.23 10.64
CA LYS F 64 -21.43 -18.74 9.36
C LYS F 64 -21.95 -17.62 8.46
N THR F 65 -21.87 -16.39 8.97
CA THR F 65 -22.44 -15.21 8.35
C THR F 65 -21.31 -14.20 8.07
N VAL F 66 -21.14 -13.85 6.80
CA VAL F 66 -20.18 -12.84 6.37
C VAL F 66 -20.79 -11.48 6.73
N THR F 67 -20.14 -10.74 7.65
CA THR F 67 -20.58 -9.40 8.03
C THR F 67 -19.94 -8.32 7.13
N ALA F 68 -20.61 -7.19 7.05
CA ALA F 68 -19.99 -5.97 6.54
C ALA F 68 -18.59 -5.74 7.10
N MET F 69 -18.40 -5.93 8.40
CA MET F 69 -17.07 -5.77 8.97
C MET F 69 -16.03 -6.69 8.34
N ASP F 70 -16.38 -7.95 8.06
CA ASP F 70 -15.46 -8.88 7.38
C ASP F 70 -15.07 -8.36 5.99
N VAL F 71 -16.04 -7.83 5.26
CA VAL F 71 -15.78 -7.23 3.94
C VAL F 71 -14.91 -5.97 4.04
N VAL F 72 -15.21 -5.12 5.04
CA VAL F 72 -14.48 -3.90 5.26
C VAL F 72 -13.00 -4.17 5.57
N TYR F 73 -12.74 -5.16 6.42
CA TYR F 73 -11.38 -5.52 6.78
C TYR F 73 -10.67 -6.17 5.64
N ALA F 74 -11.37 -7.00 4.86
CA ALA F 74 -10.79 -7.57 3.64
C ALA F 74 -10.46 -6.48 2.63
N LEU F 75 -11.37 -5.52 2.42
CA LEU F 75 -11.02 -4.38 1.55
C LEU F 75 -9.83 -3.59 2.07
N LYS F 76 -9.76 -3.37 3.37
CA LYS F 76 -8.61 -2.62 3.90
C LYS F 76 -7.29 -3.33 3.64
N ARG F 77 -7.22 -4.63 3.95
CA ARG F 77 -6.01 -5.48 3.70
C ARG F 77 -5.54 -5.34 2.26
N GLN F 78 -6.51 -5.36 1.35
CA GLN F 78 -6.28 -5.29 -0.07
C GLN F 78 -5.87 -3.87 -0.57
N GLY F 79 -5.72 -2.88 0.30
CA GLY F 79 -5.49 -1.49 -0.10
C GLY F 79 -6.63 -0.86 -0.89
N ARG F 80 -7.88 -1.18 -0.51
CA ARG F 80 -9.09 -0.65 -1.12
C ARG F 80 -10.07 -0.24 -0.01
N THR F 81 -9.55 0.45 1.00
CA THR F 81 -10.34 1.00 2.15
C THR F 81 -11.64 1.62 1.72
N LEU F 82 -12.70 1.24 2.38
CA LEU F 82 -14.03 1.66 2.05
C LEU F 82 -14.61 2.36 3.26
N TYR F 83 -15.08 3.60 3.08
CA TYR F 83 -15.87 4.28 4.09
C TYR F 83 -17.33 4.04 3.86
N GLY F 84 -18.08 3.88 4.96
CA GLY F 84 -19.56 3.95 4.92
C GLY F 84 -20.31 2.72 5.42
N PHE F 85 -19.60 1.73 5.95
CA PHE F 85 -20.19 0.46 6.33
C PHE F 85 -19.60 -0.05 7.64
N GLY F 86 -19.16 0.87 8.51
CA GLY F 86 -18.68 0.52 9.85
C GLY F 86 -17.17 0.55 9.89
N GLY F 87 -16.61 0.36 11.08
CA GLY F 87 -15.16 0.44 11.29
C GLY F 87 -14.58 1.85 11.20
N ALA G 1 18.01 -28.28 31.42
CA ALA G 1 17.33 -27.19 30.65
C ALA G 1 17.37 -27.42 29.13
N LYS G 2 16.18 -27.58 28.53
CA LYS G 2 16.04 -27.76 27.08
C LYS G 2 15.45 -26.47 26.45
N THR G 3 15.96 -26.06 25.29
CA THR G 3 15.37 -24.91 24.58
C THR G 3 14.05 -25.30 23.93
N ARG G 4 13.17 -24.31 23.83
CA ARG G 4 11.89 -24.48 23.16
C ARG G 4 12.05 -24.73 21.66
N SER G 5 13.07 -24.13 21.06
CA SER G 5 13.41 -24.48 19.70
C SER G 5 13.68 -25.98 19.55
N SER G 6 14.57 -26.52 20.39
CA SER G 6 14.96 -27.95 20.28
C SER G 6 13.77 -28.89 20.52
N ARG G 7 12.88 -28.49 21.42
CA ARG G 7 11.62 -29.24 21.64
C ARG G 7 10.74 -29.22 20.40
N ALA G 8 10.61 -28.04 19.79
CA ALA G 8 9.79 -27.87 18.58
C ALA G 8 10.47 -28.39 17.30
N GLY G 9 11.77 -28.64 17.37
CA GLY G 9 12.49 -29.22 16.24
C GLY G 9 12.95 -28.18 15.27
N LEU G 10 13.34 -27.01 15.80
CA LEU G 10 13.57 -25.82 15.00
C LEU G 10 14.95 -25.24 15.25
N GLN G 11 15.52 -24.67 14.19
CA GLN G 11 16.71 -23.83 14.22
C GLN G 11 16.42 -22.39 14.64
N PHE G 12 15.24 -21.89 14.27
CA PHE G 12 14.85 -20.52 14.61
C PHE G 12 14.47 -20.42 16.09
N PRO G 13 14.82 -19.28 16.73
CA PRO G 13 14.71 -19.13 18.19
C PRO G 13 13.30 -18.87 18.70
N VAL G 14 12.70 -19.89 19.29
CA VAL G 14 11.33 -19.73 19.82
C VAL G 14 11.28 -18.67 20.93
N GLY G 15 12.26 -18.68 21.83
CA GLY G 15 12.27 -17.77 22.96
C GLY G 15 12.32 -16.31 22.54
N ARG G 16 13.28 -15.99 21.68
CA ARG G 16 13.38 -14.66 21.09
C ARG G 16 12.08 -14.21 20.40
N VAL G 17 11.47 -15.10 19.64
CA VAL G 17 10.25 -14.75 18.87
C VAL G 17 9.17 -14.39 19.86
N HIS G 18 9.08 -15.16 20.93
CA HIS G 18 8.15 -14.89 22.04
C HIS G 18 8.35 -13.49 22.61
N ARG G 19 9.60 -13.16 22.92
CA ARG G 19 9.92 -11.88 23.50
C ARG G 19 9.56 -10.76 22.50
N LEU G 20 9.98 -10.95 21.25
CA LEU G 20 9.68 -9.95 20.21
C LEU G 20 8.15 -9.76 20.01
N LEU G 21 7.36 -10.80 20.23
CA LEU G 21 5.89 -10.66 20.27
C LEU G 21 5.36 -9.90 21.50
N ARG G 22 5.96 -10.15 22.68
CA ARG G 22 5.58 -9.43 23.91
C ARG G 22 5.82 -7.93 23.79
N LYS G 23 7.01 -7.59 23.30
CA LYS G 23 7.53 -6.24 23.42
C LYS G 23 7.31 -5.43 22.17
N GLY G 24 6.52 -6.00 21.25
CA GLY G 24 6.09 -5.32 20.03
C GLY G 24 4.67 -4.76 20.13
N ASN G 25 4.01 -4.91 21.28
CA ASN G 25 2.66 -4.35 21.54
C ASN G 25 1.63 -4.89 20.57
N TYR G 26 1.74 -6.17 20.27
CA TYR G 26 0.82 -6.79 19.35
C TYR G 26 -0.45 -7.20 20.05
N SER G 27 -0.31 -7.68 21.27
CA SER G 27 -1.46 -8.01 22.13
C SER G 27 -1.02 -8.00 23.60
N GLU G 28 -1.99 -7.89 24.50
CA GLU G 28 -1.75 -7.92 25.96
C GLU G 28 -1.15 -9.28 26.37
N ARG G 29 -1.57 -10.36 25.70
CA ARG G 29 -1.14 -11.73 26.01
C ARG G 29 -0.70 -12.55 24.78
N VAL G 30 0.15 -13.55 25.01
CA VAL G 30 0.70 -14.39 23.95
C VAL G 30 0.61 -15.86 24.36
N GLY G 31 -0.17 -16.63 23.60
CA GLY G 31 -0.26 -18.07 23.77
C GLY G 31 1.04 -18.80 23.51
N ALA G 32 1.20 -19.97 24.12
CA ALA G 32 2.47 -20.71 24.14
C ALA G 32 2.84 -21.28 22.77
N GLY G 33 1.85 -21.75 22.01
CA GLY G 33 2.08 -22.17 20.63
C GLY G 33 2.48 -21.08 19.62
N ALA G 34 2.02 -19.85 19.82
CA ALA G 34 2.20 -18.77 18.83
C ALA G 34 3.65 -18.53 18.41
N PRO G 35 4.59 -18.39 19.39
CA PRO G 35 5.99 -18.22 18.95
C PRO G 35 6.56 -19.41 18.22
N VAL G 36 6.09 -20.61 18.56
CA VAL G 36 6.55 -21.85 17.94
C VAL G 36 6.12 -21.85 16.47
N TYR G 37 4.81 -21.66 16.27
CA TYR G 37 4.22 -21.56 14.94
C TYR G 37 4.93 -20.52 14.07
N LEU G 38 5.09 -19.32 14.64
CA LEU G 38 5.67 -18.20 13.93
C LEU G 38 7.11 -18.51 13.59
N ALA G 39 7.86 -19.03 14.53
CA ALA G 39 9.25 -19.38 14.26
C ALA G 39 9.38 -20.41 13.14
N ALA G 40 8.47 -21.39 13.12
CA ALA G 40 8.53 -22.45 12.11
C ALA G 40 8.19 -21.86 10.75
N VAL G 41 7.22 -20.95 10.72
CA VAL G 41 6.86 -20.28 9.46
C VAL G 41 8.04 -19.50 8.88
N LEU G 42 8.72 -18.74 9.72
CA LEU G 42 9.87 -17.95 9.29
C LEU G 42 11.03 -18.84 8.86
N GLU G 43 11.21 -19.96 9.54
CA GLU G 43 12.25 -20.94 9.18
C GLU G 43 11.94 -21.52 7.81
N TYR G 44 10.71 -21.97 7.67
CA TYR G 44 10.26 -22.50 6.40
C TYR G 44 10.55 -21.55 5.23
N LEU G 45 10.10 -20.29 5.34
CA LEU G 45 10.27 -19.34 4.23
C LEU G 45 11.76 -19.04 3.99
N THR G 46 12.53 -18.95 5.07
CA THR G 46 13.99 -18.84 4.96
C THR G 46 14.61 -20.03 4.17
N ALA G 47 14.20 -21.25 4.52
CA ALA G 47 14.70 -22.45 3.79
C ALA G 47 14.35 -22.37 2.32
N GLU G 48 13.11 -21.99 2.03
CA GLU G 48 12.66 -21.90 0.64
C GLU G 48 13.51 -20.95 -0.20
N ILE G 49 13.78 -19.75 0.35
CA ILE G 49 14.59 -18.77 -0.36
C ILE G 49 16.03 -19.24 -0.48
N LEU G 50 16.59 -19.75 0.61
CA LEU G 50 18.00 -20.22 0.59
C LEU G 50 18.18 -21.41 -0.35
N GLU G 51 17.17 -22.28 -0.45
CA GLU G 51 17.12 -23.35 -1.46
C GLU G 51 17.27 -22.81 -2.88
N LEU G 52 16.38 -21.89 -3.28
CA LEU G 52 16.38 -21.37 -4.64
C LEU G 52 17.57 -20.44 -4.92
N ALA G 53 18.05 -19.74 -3.89
CA ALA G 53 19.20 -18.85 -4.07
C ALA G 53 20.50 -19.62 -4.22
N GLY G 54 20.66 -20.64 -3.36
CA GLY G 54 21.69 -21.65 -3.52
C GLY G 54 21.72 -22.20 -4.93
N ASN G 55 20.58 -22.61 -5.45
CA ASN G 55 20.50 -23.12 -6.83
C ASN G 55 20.97 -22.11 -7.85
N ALA G 56 20.62 -20.85 -7.63
CA ALA G 56 21.04 -19.76 -8.52
C ALA G 56 22.53 -19.53 -8.44
N ALA G 57 23.10 -19.61 -7.24
CA ALA G 57 24.56 -19.61 -7.08
C ALA G 57 25.19 -20.76 -7.87
N ARG G 58 24.69 -21.97 -7.65
CA ARG G 58 25.17 -23.16 -8.37
C ARG G 58 25.16 -22.94 -9.90
N ASP G 59 24.04 -22.48 -10.44
CA ASP G 59 23.91 -22.21 -11.87
C ASP G 59 24.97 -21.24 -12.41
N ASN G 60 25.40 -20.29 -11.59
CA ASN G 60 26.42 -19.30 -11.97
C ASN G 60 27.85 -19.70 -11.51
N LYS G 61 28.08 -20.99 -11.25
CA LYS G 61 29.39 -21.52 -10.88
C LYS G 61 29.95 -20.84 -9.63
N LYS G 62 29.11 -20.75 -8.59
CA LYS G 62 29.50 -20.08 -7.35
C LYS G 62 29.00 -20.81 -6.13
N THR G 63 29.80 -20.78 -5.07
CA THR G 63 29.47 -21.46 -3.80
C THR G 63 29.04 -20.50 -2.70
N ARG G 64 29.17 -19.19 -2.95
CA ARG G 64 28.70 -18.19 -2.01
C ARG G 64 27.47 -17.43 -2.53
N ILE G 65 26.36 -17.55 -1.82
CA ILE G 65 25.16 -16.72 -2.09
C ILE G 65 25.38 -15.21 -1.92
N ILE G 66 25.16 -14.43 -3.01
CA ILE G 66 25.16 -12.94 -3.02
C ILE G 66 23.72 -12.41 -3.29
N PRO G 67 23.49 -11.10 -3.06
CA PRO G 67 22.17 -10.51 -3.29
C PRO G 67 21.58 -10.76 -4.66
N ARG G 68 22.43 -10.71 -5.68
CA ARG G 68 22.04 -11.09 -7.04
C ARG G 68 21.34 -12.43 -7.07
N HIS G 69 21.87 -13.42 -6.35
CA HIS G 69 21.26 -14.75 -6.35
C HIS G 69 19.92 -14.74 -5.68
N LEU G 70 19.80 -13.96 -4.59
CA LEU G 70 18.52 -13.82 -3.89
C LEU G 70 17.49 -13.17 -4.82
N GLN G 71 17.89 -12.12 -5.53
CA GLN G 71 17.00 -11.49 -6.49
C GLN G 71 16.54 -12.45 -7.60
N LEU G 72 17.46 -13.20 -8.18
CA LEU G 72 17.10 -14.17 -9.21
C LEU G 72 16.14 -15.25 -8.71
N ALA G 73 16.37 -15.72 -7.49
CA ALA G 73 15.52 -16.72 -6.90
C ALA G 73 14.11 -16.19 -6.70
N ILE G 74 14.02 -15.01 -6.08
CA ILE G 74 12.73 -14.41 -5.75
C ILE G 74 11.90 -14.06 -7.00
N ARG G 75 12.50 -13.40 -7.97
CA ARG G 75 11.73 -12.88 -9.10
C ARG G 75 11.38 -13.96 -10.13
N ASN G 76 12.18 -15.04 -10.22
CA ASN G 76 11.83 -16.23 -11.02
C ASN G 76 10.85 -17.20 -10.36
N ASP G 77 10.46 -16.99 -9.11
CA ASP G 77 9.45 -17.83 -8.49
C ASP G 77 8.18 -16.98 -8.33
N GLU G 78 7.08 -17.49 -8.88
CA GLU G 78 5.84 -16.72 -8.94
C GLU G 78 5.32 -16.32 -7.54
N GLU G 79 5.37 -17.24 -6.60
CA GLU G 79 4.86 -17.01 -5.26
C GLU G 79 5.75 -16.08 -4.40
N LEU G 80 7.05 -16.27 -4.42
CA LEU G 80 7.96 -15.40 -3.68
C LEU G 80 7.94 -13.98 -4.24
N ASN G 81 7.81 -13.87 -5.56
CA ASN G 81 7.79 -12.60 -6.24
C ASN G 81 6.56 -11.80 -5.83
N LYS G 82 5.44 -12.51 -5.70
CA LYS G 82 4.20 -11.88 -5.25
C LYS G 82 4.30 -11.43 -3.78
N LEU G 83 4.74 -12.35 -2.91
CA LEU G 83 4.96 -12.02 -1.48
C LEU G 83 5.85 -10.78 -1.28
N LEU G 84 6.89 -10.67 -2.09
CA LEU G 84 7.87 -9.62 -2.06
C LEU G 84 7.74 -8.60 -3.21
N GLY G 85 6.54 -8.43 -3.75
CA GLY G 85 6.29 -7.52 -4.87
C GLY G 85 6.57 -6.05 -4.61
N ARG G 86 6.43 -5.59 -3.36
CA ARG G 86 6.74 -4.19 -3.01
C ARG G 86 8.05 -4.06 -2.20
N VAL G 87 9.08 -4.83 -2.59
CA VAL G 87 10.34 -4.91 -1.86
C VAL G 87 11.48 -4.83 -2.86
N THR G 88 12.52 -4.11 -2.46
CA THR G 88 13.74 -3.93 -3.22
C THR G 88 14.84 -4.67 -2.44
N ILE G 89 15.47 -5.61 -3.12
CA ILE G 89 16.71 -6.25 -2.70
C ILE G 89 17.87 -5.39 -3.18
N ALA G 90 18.56 -4.77 -2.21
CA ALA G 90 19.78 -4.01 -2.51
C ALA G 90 20.76 -4.87 -3.27
N GLN G 91 21.40 -4.27 -4.28
CA GLN G 91 22.40 -4.97 -5.10
C GLN G 91 21.83 -6.25 -5.74
N GLY G 92 20.53 -6.24 -6.04
CA GLY G 92 19.86 -7.34 -6.70
C GLY G 92 19.88 -7.30 -8.22
N GLY G 93 19.92 -6.10 -8.79
CA GLY G 93 19.67 -5.93 -10.23
C GLY G 93 18.29 -6.41 -10.65
N VAL G 94 18.11 -6.65 -11.95
CA VAL G 94 16.86 -7.12 -12.50
C VAL G 94 17.09 -8.41 -13.30
N LEU G 95 15.99 -9.05 -13.67
CA LEU G 95 16.02 -10.19 -14.57
C LEU G 95 16.36 -9.76 -15.98
N PRO G 96 17.22 -10.52 -16.69
CA PRO G 96 17.38 -10.28 -18.11
C PRO G 96 16.04 -10.41 -18.83
N ASN G 97 15.63 -9.36 -19.50
CA ASN G 97 14.34 -9.34 -20.16
C ASN G 97 14.29 -8.20 -21.16
N ILE G 98 14.18 -8.54 -22.45
CA ILE G 98 14.09 -7.56 -23.54
C ILE G 98 12.80 -7.78 -24.28
N GLN G 99 12.02 -6.72 -24.44
CA GLN G 99 10.73 -6.79 -25.13
C GLN G 99 10.97 -7.20 -26.57
N ALA G 100 10.16 -8.14 -27.04
CA ALA G 100 10.32 -8.78 -28.37
C ALA G 100 10.49 -7.77 -29.51
N VAL G 101 9.63 -6.75 -29.54
CA VAL G 101 9.59 -5.75 -30.63
C VAL G 101 10.87 -4.91 -30.76
N LEU G 102 11.69 -4.91 -29.71
CA LEU G 102 12.99 -4.26 -29.75
C LEU G 102 14.13 -5.13 -30.30
N LEU G 103 13.93 -6.44 -30.48
CA LEU G 103 14.96 -7.30 -31.09
C LEU G 103 15.13 -6.96 -32.57
N PRO G 104 16.38 -7.04 -33.09
CA PRO G 104 16.63 -6.66 -34.47
C PRO G 104 15.89 -7.58 -35.45
N LYS G 105 15.40 -7.03 -36.56
CA LYS G 105 14.65 -7.78 -37.56
C LYS G 105 15.63 -8.55 -38.45
N LYS G 106 16.34 -7.82 -39.31
CA LYS G 106 17.43 -8.36 -40.14
C LYS G 106 18.14 -7.20 -40.84
N ARG H 1 29.69 -1.09 21.69
CA ARG H 1 29.76 -2.16 22.74
C ARG H 1 28.49 -3.01 22.81
N SER H 2 27.33 -2.35 22.97
CA SER H 2 26.08 -3.06 23.25
C SER H 2 25.71 -4.06 22.16
N ARG H 3 24.93 -5.04 22.55
CA ARG H 3 24.59 -6.15 21.67
C ARG H 3 23.66 -5.66 20.56
N LYS H 4 23.90 -6.14 19.34
CA LYS H 4 23.04 -5.87 18.20
C LYS H 4 22.56 -7.23 17.69
N GLU H 5 21.37 -7.64 18.15
CA GLU H 5 20.78 -8.93 17.73
C GLU H 5 20.45 -9.02 16.24
N SER H 6 20.46 -10.25 15.74
CA SER H 6 20.01 -10.55 14.37
C SER H 6 19.66 -12.04 14.27
N TYR H 7 19.15 -12.44 13.10
CA TYR H 7 18.74 -13.82 12.84
C TYR H 7 19.85 -14.61 12.16
N SER H 8 21.03 -14.01 11.97
CA SER H 8 22.03 -14.59 11.06
C SER H 8 22.55 -15.98 11.46
N ILE H 9 22.69 -16.24 12.77
CA ILE H 9 23.06 -17.55 13.28
C ILE H 9 22.14 -18.62 12.74
N TYR H 10 20.85 -18.31 12.73
CA TYR H 10 19.79 -19.25 12.38
C TYR H 10 19.65 -19.37 10.87
N VAL H 11 19.73 -18.25 10.17
CA VAL H 11 19.72 -18.29 8.69
C VAL H 11 20.86 -19.20 8.21
N TYR H 12 22.05 -19.00 8.80
CA TYR H 12 23.23 -19.83 8.46
C TYR H 12 23.02 -21.33 8.75
N LYS H 13 22.44 -21.65 9.90
CA LYS H 13 22.10 -23.05 10.22
C LYS H 13 21.14 -23.65 9.21
N VAL H 14 20.11 -22.88 8.83
CA VAL H 14 19.16 -23.36 7.81
C VAL H 14 19.86 -23.46 6.43
N LEU H 15 20.77 -22.53 6.13
CA LEU H 15 21.55 -22.63 4.88
C LEU H 15 22.29 -23.97 4.78
N LYS H 16 22.91 -24.40 5.89
CA LYS H 16 23.69 -25.64 5.91
C LYS H 16 22.84 -26.91 5.73
N GLN H 17 21.65 -26.94 6.34
CA GLN H 17 20.71 -28.05 6.09
C GLN H 17 20.31 -28.13 4.62
N VAL H 18 20.13 -26.97 4.00
CA VAL H 18 19.59 -26.88 2.65
C VAL H 18 20.70 -26.98 1.59
N HIS H 19 21.84 -26.32 1.81
CA HIS H 19 23.00 -26.44 0.89
C HIS H 19 24.31 -26.54 1.69
N PRO H 20 24.74 -27.77 2.06
CA PRO H 20 25.82 -27.86 3.06
C PRO H 20 27.15 -27.27 2.61
N ASP H 21 27.39 -27.23 1.31
CA ASP H 21 28.63 -26.65 0.78
C ASP H 21 28.53 -25.20 0.29
N THR H 22 27.40 -24.53 0.56
CA THR H 22 27.18 -23.17 0.07
C THR H 22 27.32 -22.17 1.22
N GLY H 23 28.08 -21.09 0.98
CA GLY H 23 28.21 -19.97 1.92
C GLY H 23 27.35 -18.76 1.50
N ILE H 24 27.50 -17.65 2.22
CA ILE H 24 26.66 -16.48 2.03
C ILE H 24 27.44 -15.22 2.36
N SER H 25 27.33 -14.21 1.50
CA SER H 25 28.01 -12.96 1.74
C SER H 25 27.33 -12.17 2.85
N SER H 26 28.04 -11.17 3.35
CA SER H 26 27.54 -10.32 4.42
C SER H 26 26.27 -9.56 3.96
N LYS H 27 26.33 -9.02 2.73
CA LYS H 27 25.23 -8.31 2.12
C LYS H 27 24.00 -9.22 1.94
N ALA H 28 24.22 -10.41 1.40
CA ALA H 28 23.20 -11.40 1.29
C ALA H 28 22.55 -11.66 2.63
N MET H 29 23.37 -11.75 3.69
CA MET H 29 22.86 -12.00 5.03
C MET H 29 22.02 -10.83 5.58
N GLY H 30 22.40 -9.61 5.23
CA GLY H 30 21.59 -8.42 5.55
C GLY H 30 20.18 -8.47 4.92
N ILE H 31 20.14 -8.90 3.68
CA ILE H 31 18.90 -9.09 2.97
C ILE H 31 18.05 -10.16 3.62
N MET H 32 18.66 -11.27 4.02
CA MET H 32 17.91 -12.33 4.71
C MET H 32 17.35 -11.90 6.07
N ASN H 33 18.11 -11.09 6.80
CA ASN H 33 17.63 -10.46 8.03
C ASN H 33 16.46 -9.52 7.81
N SER H 34 16.61 -8.62 6.84
CA SER H 34 15.50 -7.74 6.44
C SER H 34 14.28 -8.62 6.13
N PHE H 35 14.48 -9.67 5.33
CA PHE H 35 13.39 -10.60 5.02
C PHE H 35 12.69 -11.15 6.28
N VAL H 36 13.44 -11.71 7.21
CA VAL H 36 12.81 -12.31 8.42
C VAL H 36 12.04 -11.26 9.22
N ASN H 37 12.66 -10.08 9.44
CA ASN H 37 12.01 -9.00 10.19
C ASN H 37 10.75 -8.51 9.50
N ASP H 38 10.81 -8.35 8.16
CA ASP H 38 9.66 -7.90 7.39
C ASP H 38 8.50 -8.90 7.61
N ILE H 39 8.73 -10.17 7.29
CA ILE H 39 7.64 -11.16 7.40
C ILE H 39 7.18 -11.32 8.82
N PHE H 40 8.11 -11.27 9.77
CA PHE H 40 7.72 -11.23 11.19
C PHE H 40 6.68 -10.12 11.42
N GLU H 41 6.99 -8.89 10.99
CA GLU H 41 6.11 -7.73 11.23
C GLU H 41 4.76 -7.89 10.54
N ARG H 42 4.74 -8.39 9.30
CA ARG H 42 3.46 -8.58 8.60
C ARG H 42 2.57 -9.62 9.28
N ILE H 43 3.13 -10.76 9.63
CA ILE H 43 2.36 -11.81 10.32
C ILE H 43 1.88 -11.35 11.69
N ALA H 44 2.78 -10.79 12.49
CA ALA H 44 2.42 -10.28 13.84
C ALA H 44 1.37 -9.20 13.75
N GLY H 45 1.50 -8.33 12.75
CA GLY H 45 0.56 -7.23 12.54
C GLY H 45 -0.85 -7.72 12.22
N GLU H 46 -0.94 -8.65 11.28
CA GLU H 46 -2.21 -9.23 10.95
C GLU H 46 -2.82 -9.99 12.13
N ALA H 47 -2.00 -10.76 12.85
CA ALA H 47 -2.45 -11.49 14.03
C ALA H 47 -3.00 -10.53 15.06
N SER H 48 -2.29 -9.42 15.29
CA SER H 48 -2.77 -8.36 16.21
C SER H 48 -4.15 -7.84 15.79
N ARG H 49 -4.31 -7.52 14.52
CA ARG H 49 -5.60 -7.04 14.02
C ARG H 49 -6.68 -8.10 14.26
N LEU H 50 -6.40 -9.34 13.86
CA LEU H 50 -7.32 -10.43 14.08
C LEU H 50 -7.84 -10.55 15.53
N ALA H 51 -6.92 -10.54 16.48
CA ALA H 51 -7.30 -10.58 17.89
C ALA H 51 -8.17 -9.39 18.26
N HIS H 52 -7.70 -8.17 17.96
CA HIS H 52 -8.50 -6.95 18.16
C HIS H 52 -9.91 -7.01 17.54
N TYR H 53 -10.04 -7.54 16.31
CA TYR H 53 -11.36 -7.58 15.67
C TYR H 53 -12.30 -8.52 16.41
N ASN H 54 -11.73 -9.56 17.01
CA ASN H 54 -12.51 -10.51 17.80
C ASN H 54 -12.48 -10.26 19.32
N LYS H 55 -12.13 -9.04 19.73
CA LYS H 55 -12.15 -8.62 21.14
C LYS H 55 -11.48 -9.68 22.01
N ARG H 56 -10.29 -10.10 21.60
CA ARG H 56 -9.47 -11.04 22.34
C ARG H 56 -8.20 -10.33 22.74
N SER H 57 -7.72 -10.65 23.93
CA SER H 57 -6.50 -10.07 24.47
C SER H 57 -5.25 -10.88 24.14
N THR H 58 -5.45 -12.02 23.44
CA THR H 58 -4.39 -13.03 23.23
C THR H 58 -4.15 -13.40 21.74
N ILE H 59 -2.89 -13.38 21.32
CA ILE H 59 -2.47 -13.95 20.05
C ILE H 59 -2.02 -15.39 20.29
N THR H 60 -2.80 -16.31 19.74
CA THR H 60 -2.47 -17.73 19.75
C THR H 60 -1.99 -18.19 18.38
N SER H 61 -1.61 -19.46 18.30
CA SER H 61 -1.25 -20.07 17.03
C SER H 61 -2.42 -20.04 16.00
N ARG H 62 -3.65 -19.91 16.47
CA ARG H 62 -4.75 -19.79 15.57
C ARG H 62 -4.76 -18.41 14.82
N GLU H 63 -4.40 -17.34 15.52
CA GLU H 63 -4.19 -16.02 14.88
C GLU H 63 -3.01 -16.01 13.94
N ILE H 64 -1.91 -16.68 14.32
CA ILE H 64 -0.72 -16.79 13.46
C ILE H 64 -1.09 -17.53 12.21
N GLN H 65 -1.95 -18.54 12.34
CA GLN H 65 -2.32 -19.41 11.20
C GLN H 65 -3.19 -18.65 10.21
N THR H 66 -4.26 -18.02 10.70
CA THR H 66 -5.11 -17.19 9.87
C THR H 66 -4.30 -16.04 9.20
N ALA H 67 -3.43 -15.38 9.96
CA ALA H 67 -2.55 -14.36 9.38
C ALA H 67 -1.72 -14.92 8.21
N VAL H 68 -1.19 -16.15 8.36
CA VAL H 68 -0.40 -16.80 7.31
C VAL H 68 -1.25 -17.01 6.06
N ARG H 69 -2.48 -17.47 6.26
CA ARG H 69 -3.40 -17.65 5.14
C ARG H 69 -3.72 -16.34 4.42
N LEU H 70 -4.00 -15.29 5.19
CA LEU H 70 -4.21 -13.95 4.61
C LEU H 70 -3.00 -13.38 3.85
N LEU H 71 -1.78 -13.68 4.29
CA LEU H 71 -0.56 -13.03 3.79
C LEU H 71 0.22 -13.75 2.72
N LEU H 72 0.24 -15.07 2.78
CA LEU H 72 1.04 -15.84 1.84
C LEU H 72 0.21 -16.26 0.65
N PRO H 73 0.82 -16.24 -0.53
CA PRO H 73 0.21 -16.89 -1.69
C PRO H 73 0.04 -18.40 -1.50
N GLY H 74 -1.10 -18.91 -2.00
CA GLY H 74 -1.45 -20.34 -2.09
C GLY H 74 -0.51 -21.42 -1.58
N GLU H 75 0.42 -21.85 -2.41
CA GLU H 75 1.28 -22.98 -2.08
C GLU H 75 2.17 -22.70 -0.87
N LEU H 76 2.82 -21.54 -0.84
CA LEU H 76 3.59 -21.08 0.33
C LEU H 76 2.77 -21.11 1.62
N ALA H 77 1.52 -20.70 1.54
CA ALA H 77 0.66 -20.70 2.71
C ALA H 77 0.44 -22.13 3.20
N LYS H 78 0.07 -23.02 2.30
CA LYS H 78 -0.20 -24.41 2.64
C LYS H 78 0.99 -25.04 3.37
N HIS H 79 2.18 -24.92 2.81
CA HIS H 79 3.37 -25.49 3.43
C HIS H 79 3.73 -24.81 4.74
N ALA H 80 3.53 -23.50 4.82
CA ALA H 80 3.86 -22.76 6.02
C ALA H 80 2.98 -23.19 7.13
N VAL H 81 1.69 -23.32 6.79
CA VAL H 81 0.67 -23.84 7.71
C VAL H 81 1.03 -25.24 8.20
N SER H 82 1.46 -26.12 7.29
CA SER H 82 1.78 -27.51 7.68
C SER H 82 3.05 -27.56 8.52
N GLU H 83 4.06 -26.75 8.16
CA GLU H 83 5.27 -26.61 9.01
C GLU H 83 4.98 -26.03 10.39
N GLY H 84 4.03 -25.11 10.48
CA GLY H 84 3.71 -24.48 11.75
C GLY H 84 2.95 -25.42 12.67
N THR H 85 1.97 -26.10 12.11
CA THR H 85 1.18 -27.10 12.83
C THR H 85 2.06 -28.25 13.33
N LYS H 86 3.03 -28.67 12.51
CA LYS H 86 3.98 -29.73 12.87
C LYS H 86 4.85 -29.34 14.06
N ALA H 87 5.41 -28.13 14.02
CA ALA H 87 6.22 -27.63 15.11
C ALA H 87 5.45 -27.50 16.42
N VAL H 88 4.16 -27.15 16.36
CA VAL H 88 3.35 -27.03 17.58
C VAL H 88 3.02 -28.42 18.15
N THR H 89 2.78 -29.38 17.26
CA THR H 89 2.59 -30.79 17.65
C THR H 89 3.84 -31.35 18.36
N LYS H 90 4.98 -31.26 17.67
CA LYS H 90 6.26 -31.73 18.20
C LYS H 90 6.54 -31.07 19.56
N TYR H 91 6.33 -29.76 19.64
CA TYR H 91 6.52 -29.01 20.88
C TYR H 91 5.63 -29.48 22.03
N THR H 92 4.39 -29.86 21.75
CA THR H 92 3.44 -30.32 22.79
C THR H 92 3.77 -31.75 23.22
N SER H 93 3.87 -32.64 22.23
CA SER H 93 4.36 -34.02 22.43
C SER H 93 5.88 -34.03 22.70
N ALA H 94 6.26 -33.52 23.86
CA ALA H 94 7.66 -33.38 24.25
C ALA H 94 7.69 -32.98 25.72
N LYS H 95 7.72 -34.00 26.59
CA LYS H 95 7.77 -33.87 28.06
C LYS H 95 8.77 -32.83 28.60
AU AU K . -0.20 -2.29 -24.89
C1 XIS L . -0.65 -5.55 -25.93
C2 XIS L . -0.98 -5.35 -27.28
C3 XIS L . -1.88 -6.20 -27.94
C4 XIS L . -2.47 -7.26 -27.25
C5 XIS L . -2.15 -7.47 -25.93
C6 XIS L . -1.25 -6.63 -25.28
C7 XIS L . 1.97 -4.61 -26.30
C8 XIS L . 3.11 -5.42 -26.06
C9 XIS L . 4.14 -5.55 -27.02
O1 XIS L . 1.06 -6.92 -18.76
O2 XIS L . 3.23 -6.65 -19.18
P1 XIS L . 0.57 -4.41 -25.07
C10 XIS L . 4.05 -4.91 -28.24
C11 XIS L . 2.94 -4.13 -28.51
C12 XIS L . 1.90 -3.98 -27.56
C13 XIS L . 1.01 -5.05 -23.42
C14 XIS L . 2.34 -5.16 -22.98
C15 XIS L . 2.65 -5.65 -21.74
C16 XIS L . 1.65 -6.04 -20.86
C17 XIS L . 0.31 -5.93 -21.26
C18 XIS L . 0.00 -5.42 -22.53
C19 XIS L . 2.03 -6.57 -19.53
MG MG M . -18.87 28.86 8.99
C1 D0X N . 12.49 -27.69 -4.55
C2 D0X N . 11.18 -27.25 -3.96
C3 D0X N . 10.50 -28.12 -3.05
C4 D0X N . 9.29 -27.69 -2.42
C5 D0X N . 8.81 -26.36 -2.66
C6 D0X N . 7.52 -25.88 -2.03
C7 D0X N . 6.38 -25.69 -3.05
N1 D0X N . 10.09 -27.79 2.39
C9 D0X N . 9.49 -25.47 -3.58
N2 D0X N . 12.51 -27.28 2.40
C10 D0X N . 10.72 -25.89 -4.20
C16 D0X N . 9.75 -27.19 1.08
C17 D0X N . 10.41 -29.24 2.21
C18 D0X N . 11.58 -29.05 0.05
N3 D0X N . 11.68 -29.44 1.48
P1 D0X N . 11.25 -27.24 0.03
RU D0X N . 10.94 -26.15 -2.04
C20 D0X N . 12.55 -26.53 1.13
C21 D0X N . 12.79 -28.72 2.16
C19 D0X N . 11.20 -27.10 3.07
MG MG O . 35.63 -14.67 -14.24
MG MG P . -7.59 -1.53 -44.82
MG MG Q . -35.78 17.09 -8.14
#